data_5AHU
#
_entry.id   5AHU
#
_cell.length_a   63.010
_cell.length_b   117.860
_cell.length_c   123.724
_cell.angle_alpha   90.00
_cell.angle_beta   95.80
_cell.angle_gamma   90.00
#
_symmetry.space_group_name_H-M   'I 1 2 1'
#
loop_
_entity.id
_entity.type
_entity.pdbx_description
1 polymer 'FARNESYL PYROPHOSPHATE SYNTHASE, PUTATIVE'
2 polymer 'FARNESYL PYROPHOSPHATE SYNTHASE'
3 non-polymer [2-(1-heptyl-1H-imidazol-3-ium-3-yl)ethane-1,1-diyl]bis(phosphonate)
4 non-polymer 'MAGNESIUM ION'
5 water water
#
loop_
_entity_poly.entity_id
_entity_poly.type
_entity_poly.pdbx_seq_one_letter_code
_entity_poly.pdbx_strand_id
1 'polypeptide(L)' MPMQMFMQVYDEIQMFLLEELELKFDMDPNRVRYLRKMMDTTCLGGKYNRGLTVIDVAESLLS A,C
2 'polypeptide(L)'
;DGARRKRVLHDACVCGWMIEFLQAHYLVEDDIMDNSVTRRGKPCWYRHPDVTVQCAINDGLLLKSWTHMMAMHFFADRPF
LQDLLCRFNRVDYTTAVGQLYDVTSMFDSNKLDPDVSQPTTTDFAEFTLSNYKRIVKYKTAYYTYLLPLVMGLIVSEALP
TVDMGVTEELAMLMGEYFQVQDDVMDCFTPPERLGKVGTDIQDAKCSWLAVTFLAKASSAQVAEFKANYGSGDSEKVATV
RRLYEEADLQGDYVAYEAAVAEQVKELIEKLRLCSPGFAASVETLWGKTYKRQK
;
B,D
#
# COMPACT_ATOMS: atom_id res chain seq x y z
N MET A 1 33.39 5.63 -3.10
CA MET A 1 33.02 4.20 -2.86
C MET A 1 31.56 3.93 -2.44
N PRO A 2 31.00 4.74 -1.52
CA PRO A 2 29.67 4.40 -0.97
C PRO A 2 28.63 4.05 -2.04
N MET A 3 28.53 4.91 -3.04
CA MET A 3 27.66 4.70 -4.18
C MET A 3 27.95 3.40 -4.96
N GLN A 4 29.21 3.07 -5.12
CA GLN A 4 29.59 1.95 -5.98
C GLN A 4 29.07 0.62 -5.40
N MET A 5 29.15 0.46 -4.08
CA MET A 5 28.64 -0.75 -3.42
C MET A 5 27.11 -0.74 -3.33
N PHE A 6 26.58 0.47 -3.19
CA PHE A 6 25.15 0.68 -3.02
C PHE A 6 24.43 0.18 -4.26
N MET A 7 24.96 0.49 -5.43
CA MET A 7 24.44 -0.08 -6.69
C MET A 7 24.72 -1.57 -6.82
N GLN A 8 25.84 -2.02 -6.30
CA GLN A 8 26.17 -3.45 -6.28
C GLN A 8 25.07 -4.29 -5.66
N VAL A 9 24.65 -3.84 -4.49
CA VAL A 9 23.59 -4.48 -3.74
C VAL A 9 22.25 -4.24 -4.40
N TYR A 10 22.07 -3.11 -5.09
CA TYR A 10 20.87 -2.93 -5.94
C TYR A 10 20.68 -4.10 -6.88
N ASP A 11 21.74 -4.47 -7.57
CA ASP A 11 21.68 -5.54 -8.59
C ASP A 11 21.42 -6.92 -7.96
N GLU A 12 21.94 -7.15 -6.75
CA GLU A 12 21.59 -8.36 -5.97
C GLU A 12 20.12 -8.46 -5.62
N ILE A 13 19.62 -7.41 -5.00
CA ILE A 13 18.25 -7.34 -4.59
C ILE A 13 17.37 -7.53 -5.81
N GLN A 14 17.65 -6.76 -6.86
CA GLN A 14 16.88 -6.84 -8.07
C GLN A 14 16.87 -8.25 -8.61
N MET A 15 18.02 -8.92 -8.52
CA MET A 15 18.15 -10.28 -9.00
C MET A 15 17.29 -11.23 -8.20
N PHE A 16 17.37 -11.08 -6.90
CA PHE A 16 16.62 -11.95 -6.00
C PHE A 16 15.10 -11.82 -6.22
N LEU A 17 14.63 -10.59 -6.33
CA LEU A 17 13.20 -10.32 -6.47
C LEU A 17 12.64 -10.81 -7.78
N LEU A 18 13.36 -10.54 -8.86
CA LEU A 18 12.90 -10.92 -10.19
C LEU A 18 12.96 -12.41 -10.44
N GLU A 19 14.01 -13.04 -9.95
CA GLU A 19 14.14 -14.48 -10.03
C GLU A 19 13.13 -15.21 -9.14
N GLU A 20 13.03 -14.81 -7.87
CA GLU A 20 12.00 -15.32 -6.99
C GLU A 20 10.66 -15.27 -7.70
N LEU A 21 10.41 -14.17 -8.39
CA LEU A 21 9.19 -14.01 -9.17
C LEU A 21 9.05 -15.07 -10.24
N GLU A 22 10.12 -15.31 -10.99
CA GLU A 22 10.10 -16.28 -12.07
C GLU A 22 9.86 -17.69 -11.56
N LEU A 23 10.51 -18.00 -10.43
CA LEU A 23 10.67 -19.36 -9.92
C LEU A 23 9.56 -19.80 -9.01
N LYS A 24 8.89 -18.86 -8.39
CA LYS A 24 7.89 -19.18 -7.37
C LYS A 24 6.56 -18.51 -7.54
N PHE A 25 6.44 -17.56 -8.47
CA PHE A 25 5.16 -16.93 -8.72
C PHE A 25 4.71 -17.18 -10.12
N ASP A 26 5.44 -18.02 -10.83
CA ASP A 26 5.08 -18.46 -12.18
C ASP A 26 4.96 -17.24 -13.07
N MET A 27 6.07 -16.53 -13.23
CA MET A 27 6.01 -15.25 -13.88
C MET A 27 6.74 -15.41 -15.20
N ASP A 28 6.10 -15.00 -16.27
CA ASP A 28 6.71 -15.04 -17.58
C ASP A 28 7.77 -13.95 -17.73
N PRO A 29 8.73 -14.14 -18.66
CA PRO A 29 9.77 -13.12 -18.85
C PRO A 29 9.23 -11.72 -19.27
N ASN A 30 8.09 -11.70 -19.95
CA ASN A 30 7.49 -10.43 -20.32
C ASN A 30 7.20 -9.56 -19.08
N ARG A 31 6.37 -10.08 -18.18
CA ARG A 31 6.05 -9.36 -16.96
C ARG A 31 7.29 -9.08 -16.11
N VAL A 32 8.17 -10.06 -16.05
CA VAL A 32 9.43 -9.87 -15.37
C VAL A 32 10.18 -8.66 -15.97
N ARG A 33 10.14 -8.48 -17.29
CA ARG A 33 10.87 -7.32 -17.88
C ARG A 33 10.10 -6.04 -17.58
N TYR A 34 8.78 -6.13 -17.53
CA TYR A 34 8.01 -4.96 -17.16
C TYR A 34 8.45 -4.46 -15.81
N LEU A 35 8.64 -5.39 -14.87
CA LEU A 35 8.88 -5.04 -13.48
C LEU A 35 10.28 -4.57 -13.27
N ARG A 36 11.19 -5.08 -14.07
CA ARG A 36 12.54 -4.54 -14.08
C ARG A 36 12.54 -3.05 -14.53
N LYS A 37 11.81 -2.69 -15.58
CA LYS A 37 11.83 -1.29 -16.01
C LYS A 37 11.14 -0.43 -14.98
N MET A 38 10.01 -0.89 -14.46
CA MET A 38 9.34 -0.21 -13.36
C MET A 38 10.28 -0.02 -12.16
N MET A 39 10.94 -1.08 -11.71
CA MET A 39 11.86 -0.94 -10.57
C MET A 39 13.00 0.09 -10.79
N ASP A 40 13.65 0.04 -11.95
CA ASP A 40 14.71 1.00 -12.27
C ASP A 40 14.14 2.41 -12.39
N THR A 41 12.98 2.55 -13.03
CA THR A 41 12.38 3.89 -13.24
C THR A 41 11.90 4.57 -11.96
N THR A 42 11.46 3.77 -11.01
CA THR A 42 10.91 4.31 -9.79
C THR A 42 11.94 4.38 -8.68
N CYS A 43 12.88 3.46 -8.64
CA CYS A 43 13.86 3.47 -7.56
C CYS A 43 15.15 4.19 -7.91
N LEU A 44 15.44 4.30 -9.20
CA LEU A 44 16.71 4.88 -9.64
C LEU A 44 16.48 6.25 -10.22
N GLY A 45 17.47 7.11 -10.02
CA GLY A 45 17.50 8.41 -10.68
C GLY A 45 17.48 9.60 -9.78
N GLY A 46 17.28 9.38 -8.48
CA GLY A 46 17.35 10.47 -7.50
C GLY A 46 18.77 10.59 -6.99
N LYS A 47 18.93 11.23 -5.84
CA LYS A 47 20.25 11.39 -5.24
C LYS A 47 20.53 10.43 -4.10
N TYR A 48 19.57 9.57 -3.81
CA TYR A 48 19.74 8.46 -2.90
C TYR A 48 20.17 8.90 -1.51
N ASN A 49 19.73 10.06 -1.07
CA ASN A 49 20.13 10.57 0.25
C ASN A 49 19.70 9.74 1.42
N ARG A 50 18.56 9.07 1.31
CA ARG A 50 18.04 8.35 2.44
C ARG A 50 18.80 7.06 2.58
N GLY A 51 18.96 6.38 1.47
CA GLY A 51 19.76 5.18 1.41
C GLY A 51 21.20 5.38 1.79
N LEU A 52 21.82 6.42 1.25
CA LEU A 52 23.24 6.66 1.45
C LEU A 52 23.55 7.08 2.89
N THR A 53 22.61 7.78 3.50
CA THR A 53 22.66 8.13 4.92
C THR A 53 22.74 6.90 5.81
N VAL A 54 22.01 5.84 5.47
CA VAL A 54 22.08 4.63 6.29
C VAL A 54 23.51 4.09 6.27
N ILE A 55 24.05 3.84 5.09
CA ILE A 55 25.42 3.35 4.97
C ILE A 55 26.38 4.27 5.69
N ASP A 56 26.15 5.58 5.56
CA ASP A 56 27.01 6.56 6.18
C ASP A 56 27.02 6.39 7.72
N VAL A 57 25.83 6.40 8.32
CA VAL A 57 25.74 6.20 9.75
C VAL A 57 26.41 4.87 10.14
N ALA A 58 26.25 3.84 9.33
CA ALA A 58 26.85 2.56 9.66
C ALA A 58 28.37 2.56 9.63
N GLU A 59 28.99 3.17 8.61
CA GLU A 59 30.46 3.28 8.53
C GLU A 59 31.10 4.06 9.68
N SER A 60 30.49 5.20 9.99
CA SER A 60 30.93 6.05 11.06
C SER A 60 30.92 5.40 12.43
N LEU A 61 30.00 4.47 12.63
CA LEU A 61 29.79 3.90 13.95
C LEU A 61 30.54 2.63 14.18
N LEU A 62 30.92 1.90 13.14
CA LEU A 62 31.48 0.55 13.37
C LEU A 62 32.84 0.60 14.10
N SER A 63 33.49 1.76 13.98
CA SER A 63 34.73 2.06 14.67
C SER A 63 34.61 2.17 16.22
N ASP B 1 39.07 -9.83 11.21
CA ASP B 1 37.58 -9.79 11.27
C ASP B 1 37.04 -8.47 10.67
N GLY B 2 37.34 -8.30 9.38
CA GLY B 2 36.66 -7.31 8.54
C GLY B 2 35.35 -7.90 8.05
N ALA B 3 34.91 -8.98 8.70
CA ALA B 3 33.61 -9.63 8.45
C ALA B 3 32.45 -8.89 9.11
N ARG B 4 32.63 -8.42 10.34
CA ARG B 4 31.64 -7.52 10.93
C ARG B 4 31.49 -6.33 10.02
N ARG B 5 32.61 -5.81 9.54
CA ARG B 5 32.59 -4.63 8.71
C ARG B 5 31.82 -4.93 7.41
N LYS B 6 32.00 -6.12 6.88
CA LYS B 6 31.29 -6.50 5.66
C LYS B 6 29.79 -6.71 5.90
N ARG B 7 29.45 -7.34 7.01
CA ARG B 7 28.07 -7.69 7.31
C ARG B 7 27.26 -6.44 7.57
N VAL B 8 27.82 -5.53 8.36
CA VAL B 8 27.16 -4.28 8.69
C VAL B 8 26.99 -3.44 7.43
N LEU B 9 28.06 -3.32 6.65
CA LEU B 9 28.02 -2.51 5.45
C LEU B 9 26.98 -3.06 4.48
N HIS B 10 26.90 -4.37 4.33
CA HIS B 10 25.90 -4.96 3.43
C HIS B 10 24.46 -4.76 3.92
N ASP B 11 24.25 -4.90 5.22
CA ASP B 11 22.93 -4.75 5.83
C ASP B 11 22.47 -3.31 5.72
N ALA B 12 23.41 -2.40 5.90
CA ALA B 12 23.15 -0.99 5.75
C ALA B 12 22.68 -0.68 4.32
N CYS B 13 23.41 -1.19 3.33
CA CYS B 13 22.99 -1.15 1.95
C CYS B 13 21.56 -1.70 1.74
N VAL B 14 21.25 -2.85 2.31
CA VAL B 14 19.91 -3.42 2.15
C VAL B 14 18.89 -2.45 2.76
N CYS B 15 19.10 -2.06 4.01
CA CYS B 15 18.26 -1.06 4.68
C CYS B 15 18.15 0.25 3.88
N GLY B 16 19.23 0.64 3.26
CA GLY B 16 19.19 1.79 2.39
C GLY B 16 18.22 1.63 1.26
N TRP B 17 18.23 0.44 0.66
CA TRP B 17 17.29 0.16 -0.42
C TRP B 17 15.86 0.03 0.08
N MET B 18 15.65 -0.60 1.22
CA MET B 18 14.32 -0.61 1.82
C MET B 18 13.72 0.79 1.80
N ILE B 19 14.49 1.78 2.24
CA ILE B 19 13.94 3.12 2.31
C ILE B 19 13.74 3.69 0.93
N GLU B 20 14.71 3.44 0.05
CA GLU B 20 14.60 3.97 -1.27
C GLU B 20 13.39 3.35 -1.96
N PHE B 21 13.17 2.06 -1.71
CA PHE B 21 12.01 1.39 -2.28
C PHE B 21 10.74 1.87 -1.64
N LEU B 22 10.82 2.26 -0.37
CA LEU B 22 9.72 2.92 0.31
C LEU B 22 9.44 4.30 -0.29
N GLN B 23 10.49 5.12 -0.42
CA GLN B 23 10.37 6.40 -1.13
C GLN B 23 9.72 6.21 -2.50
N ALA B 24 10.12 5.18 -3.22
CA ALA B 24 9.63 4.96 -4.56
C ALA B 24 8.13 4.66 -4.57
N HIS B 25 7.72 3.86 -3.62
CA HIS B 25 6.31 3.52 -3.44
C HIS B 25 5.47 4.77 -3.21
N TYR B 26 5.95 5.64 -2.32
CA TYR B 26 5.30 6.92 -2.04
C TYR B 26 5.23 7.88 -3.23
N LEU B 27 6.33 7.99 -3.97
CA LEU B 27 6.32 8.91 -5.09
C LEU B 27 5.36 8.44 -6.17
N VAL B 28 5.30 7.13 -6.42
CA VAL B 28 4.38 6.61 -7.42
C VAL B 28 2.95 6.99 -7.04
N GLU B 29 2.59 6.69 -5.80
CA GLU B 29 1.26 7.03 -5.29
C GLU B 29 1.06 8.56 -5.13
N ASP B 30 2.02 9.29 -4.53
CA ASP B 30 1.92 10.77 -4.41
C ASP B 30 1.60 11.40 -5.78
N ASP B 31 2.25 10.94 -6.85
CA ASP B 31 2.09 11.60 -8.16
C ASP B 31 0.68 11.51 -8.75
N ILE B 32 0.10 10.32 -8.60
CA ILE B 32 -1.30 10.08 -8.90
C ILE B 32 -2.19 10.97 -8.02
N MET B 33 -2.00 10.93 -6.73
CA MET B 33 -2.73 11.80 -5.82
C MET B 33 -2.52 13.31 -6.09
N ASP B 34 -1.34 13.72 -6.58
CA ASP B 34 -1.01 15.14 -6.80
C ASP B 34 -1.26 15.59 -8.23
N ASN B 35 -1.57 14.63 -9.09
CA ASN B 35 -1.84 14.91 -10.50
C ASN B 35 -0.61 15.47 -11.19
N SER B 36 0.55 14.96 -10.80
CA SER B 36 1.81 15.43 -11.32
C SER B 36 2.04 14.91 -12.75
N VAL B 37 2.94 15.59 -13.46
CA VAL B 37 3.23 15.28 -14.84
C VAL B 37 4.58 14.55 -15.00
N THR B 38 5.57 14.97 -14.23
CA THR B 38 6.96 14.65 -14.52
C THR B 38 7.69 14.39 -13.18
N ARG B 39 8.79 13.66 -13.22
CA ARG B 39 9.52 13.31 -12.00
C ARG B 39 10.96 12.86 -12.36
N ARG B 40 11.94 13.44 -11.70
CA ARG B 40 13.37 13.16 -11.99
C ARG B 40 13.72 13.34 -13.48
N GLY B 41 13.08 14.29 -14.13
CA GLY B 41 13.37 14.60 -15.50
C GLY B 41 12.50 13.88 -16.50
N LYS B 42 11.81 12.85 -16.07
CA LYS B 42 11.00 12.04 -17.00
C LYS B 42 9.53 12.01 -16.54
N PRO B 43 8.66 11.36 -17.32
CA PRO B 43 7.26 11.37 -16.88
C PRO B 43 7.02 10.52 -15.62
N CYS B 44 6.08 10.97 -14.80
CA CYS B 44 5.60 10.16 -13.68
C CYS B 44 5.18 8.78 -14.16
N TRP B 45 5.46 7.75 -13.34
CA TRP B 45 5.17 6.36 -13.69
C TRP B 45 3.76 6.13 -14.26
N TYR B 46 2.75 6.75 -13.64
CA TYR B 46 1.36 6.62 -14.10
C TYR B 46 1.12 7.34 -15.43
N ARG B 47 2.05 8.20 -15.83
CA ARG B 47 1.99 8.95 -17.10
C ARG B 47 2.86 8.35 -18.17
N HIS B 48 3.51 7.23 -17.88
CA HIS B 48 4.21 6.51 -18.93
C HIS B 48 3.19 5.94 -19.91
N PRO B 49 3.47 6.05 -21.22
CA PRO B 49 2.52 5.69 -22.32
C PRO B 49 1.91 4.29 -22.22
N ASP B 50 2.70 3.32 -21.74
CA ASP B 50 2.25 1.93 -21.61
C ASP B 50 1.88 1.49 -20.21
N VAL B 51 1.62 2.45 -19.33
CA VAL B 51 1.26 2.17 -18.00
C VAL B 51 -0.11 2.77 -17.80
N THR B 52 -1.00 1.98 -17.25
CA THR B 52 -2.33 2.44 -16.99
C THR B 52 -2.33 2.97 -15.56
N VAL B 53 -3.28 3.86 -15.27
CA VAL B 53 -3.41 4.43 -13.94
C VAL B 53 -3.66 3.32 -12.93
N GLN B 54 -4.57 2.40 -13.24
CA GLN B 54 -4.83 1.28 -12.33
C GLN B 54 -3.58 0.43 -12.10
N CYS B 55 -2.84 0.10 -13.15
CA CYS B 55 -1.63 -0.68 -12.95
C CYS B 55 -0.56 0.10 -12.17
N ALA B 56 -0.50 1.42 -12.32
CA ALA B 56 0.45 2.22 -11.52
C ALA B 56 0.16 2.16 -10.01
N ILE B 57 -1.13 2.20 -9.62
CA ILE B 57 -1.54 2.09 -8.21
C ILE B 57 -1.02 0.76 -7.66
N ASN B 58 -1.21 -0.32 -8.43
CA ASN B 58 -0.73 -1.61 -8.04
C ASN B 58 0.76 -1.75 -8.04
N ASP B 59 1.43 -1.11 -8.98
CA ASP B 59 2.90 -1.09 -9.02
C ASP B 59 3.45 -0.43 -7.75
N GLY B 60 2.78 0.61 -7.29
CA GLY B 60 3.14 1.28 -6.07
C GLY B 60 3.10 0.35 -4.89
N LEU B 61 2.14 -0.56 -4.88
CA LEU B 61 2.05 -1.53 -3.78
C LEU B 61 3.09 -2.61 -3.87
N LEU B 62 3.35 -3.13 -5.07
CA LEU B 62 4.51 -4.02 -5.28
C LEU B 62 5.79 -3.47 -4.63
N LEU B 63 6.09 -2.21 -4.91
CA LEU B 63 7.23 -1.50 -4.36
C LEU B 63 7.29 -1.59 -2.86
N LYS B 64 6.17 -1.32 -2.22
CA LYS B 64 6.06 -1.45 -0.80
C LYS B 64 6.32 -2.87 -0.32
N SER B 65 5.78 -3.84 -1.03
CA SER B 65 5.99 -5.24 -0.66
C SER B 65 7.43 -5.65 -0.77
N TRP B 66 8.14 -5.14 -1.78
CA TRP B 66 9.52 -5.53 -1.99
C TRP B 66 10.39 -5.16 -0.82
N THR B 67 10.08 -4.06 -0.15
CA THR B 67 10.83 -3.67 1.04
C THR B 67 10.75 -4.78 2.06
N HIS B 68 9.57 -5.35 2.25
CA HIS B 68 9.40 -6.46 3.19
C HIS B 68 10.05 -7.72 2.71
N MET B 69 10.00 -7.98 1.39
CA MET B 69 10.59 -9.21 0.86
C MET B 69 12.10 -9.18 0.96
N MET B 70 12.71 -8.03 0.65
CA MET B 70 14.17 -7.91 0.74
C MET B 70 14.60 -8.01 2.20
N ALA B 71 13.90 -7.37 3.12
CA ALA B 71 14.28 -7.44 4.54
C ALA B 71 14.23 -8.87 5.07
N MET B 72 13.26 -9.64 4.61
CA MET B 72 13.00 -10.95 5.17
C MET B 72 14.07 -11.88 4.62
N HIS B 73 14.48 -11.63 3.39
CA HIS B 73 15.48 -12.44 2.75
C HIS B 73 16.78 -12.21 3.46
N PHE B 74 17.23 -10.98 3.49
CA PHE B 74 18.57 -10.72 3.94
C PHE B 74 18.73 -10.77 5.46
N PHE B 75 17.68 -10.41 6.19
CA PHE B 75 17.78 -10.33 7.62
C PHE B 75 17.11 -11.49 8.35
N ALA B 76 16.67 -12.49 7.59
CA ALA B 76 16.03 -13.70 8.13
C ALA B 76 16.61 -14.12 9.49
N ASP B 77 17.94 -14.17 9.60
CA ASP B 77 18.62 -14.72 10.77
C ASP B 77 19.20 -13.75 11.77
N ARG B 78 18.69 -12.55 11.73
CA ARG B 78 19.25 -11.44 12.44
C ARG B 78 18.40 -11.04 13.65
N PRO B 79 19.03 -10.89 14.82
CA PRO B 79 18.30 -10.58 16.06
C PRO B 79 17.52 -9.24 16.03
N PHE B 80 17.94 -8.30 15.20
CA PHE B 80 17.29 -6.99 15.08
C PHE B 80 16.09 -6.96 14.12
N LEU B 81 15.85 -8.02 13.35
CA LEU B 81 14.76 -8.06 12.38
C LEU B 81 13.43 -7.62 12.93
N GLN B 82 13.04 -8.14 14.07
CA GLN B 82 11.77 -7.74 14.63
C GLN B 82 11.72 -6.24 15.00
N ASP B 83 12.82 -5.70 15.51
CA ASP B 83 12.87 -4.27 15.90
C ASP B 83 12.86 -3.32 14.67
N LEU B 84 13.66 -3.67 13.69
CA LEU B 84 13.71 -3.02 12.40
C LEU B 84 12.34 -2.87 11.75
N LEU B 85 11.65 -3.98 11.62
CA LEU B 85 10.36 -4.00 10.95
C LEU B 85 9.30 -3.24 11.72
N CYS B 86 9.32 -3.30 13.06
CA CYS B 86 8.42 -2.54 13.92
C CYS B 86 8.52 -1.06 13.56
N ARG B 87 9.74 -0.53 13.68
CA ARG B 87 10.05 0.85 13.39
C ARG B 87 9.72 1.22 11.96
N PHE B 88 10.12 0.38 11.03
CA PHE B 88 9.90 0.68 9.66
C PHE B 88 8.42 0.82 9.35
N ASN B 89 7.59 -0.03 9.95
CA ASN B 89 6.13 0.05 9.78
C ASN B 89 5.47 1.20 10.52
N ARG B 90 6.01 1.51 11.68
CA ARG B 90 5.57 2.68 12.38
C ARG B 90 5.77 3.91 11.50
N VAL B 91 6.97 4.07 10.95
CA VAL B 91 7.29 5.29 10.21
C VAL B 91 6.41 5.40 8.99
N ASP B 92 6.25 4.27 8.34
CA ASP B 92 5.43 4.17 7.15
C ASP B 92 3.98 4.57 7.37
N TYR B 93 3.35 3.97 8.37
CA TYR B 93 2.07 4.45 8.86
C TYR B 93 2.06 5.91 9.22
N THR B 94 3.11 6.40 9.89
CA THR B 94 3.12 7.83 10.26
C THR B 94 3.18 8.66 8.99
N THR B 95 3.84 8.13 7.97
CA THR B 95 3.96 8.84 6.71
C THR B 95 2.63 8.84 5.98
N ALA B 96 1.87 7.75 6.08
CA ALA B 96 0.56 7.68 5.47
C ALA B 96 -0.43 8.62 6.13
N VAL B 97 -0.33 8.74 7.45
CA VAL B 97 -1.12 9.69 8.23
C VAL B 97 -0.79 11.12 7.78
N GLY B 98 0.51 11.43 7.69
CA GLY B 98 0.94 12.75 7.17
C GLY B 98 0.32 13.07 5.82
N GLN B 99 0.15 12.06 4.98
CA GLN B 99 -0.46 12.27 3.69
C GLN B 99 -1.93 12.53 3.74
N LEU B 100 -2.63 11.90 4.68
CA LEU B 100 -4.01 12.30 5.00
C LEU B 100 -4.12 13.80 5.24
N TYR B 101 -3.23 14.31 6.10
CA TYR B 101 -3.19 15.73 6.44
C TYR B 101 -2.98 16.65 5.21
N ASP B 102 -1.99 16.34 4.41
CA ASP B 102 -1.73 17.03 3.17
C ASP B 102 -2.91 17.00 2.20
N VAL B 103 -3.40 15.81 1.92
CA VAL B 103 -4.46 15.61 0.96
C VAL B 103 -5.80 16.19 1.42
N THR B 104 -5.97 16.43 2.71
CA THR B 104 -7.20 17.06 3.20
C THR B 104 -7.01 18.48 3.72
N SER B 105 -5.88 19.10 3.44
CA SER B 105 -5.60 20.41 3.99
C SER B 105 -6.42 21.54 3.37
N MET B 106 -7.06 21.29 2.21
CA MET B 106 -7.87 22.32 1.48
C MET B 106 -9.36 22.27 1.77
N PHE B 107 -9.81 21.26 2.51
CA PHE B 107 -11.20 21.22 2.96
C PHE B 107 -11.29 21.69 4.42
N ASP B 108 -12.35 22.44 4.74
CA ASP B 108 -12.70 22.76 6.13
C ASP B 108 -12.88 21.45 6.91
N SER B 109 -12.08 21.22 7.94
CA SER B 109 -12.11 19.91 8.55
C SER B 109 -13.40 19.65 9.32
N ASN B 110 -14.11 20.72 9.66
CA ASN B 110 -15.40 20.58 10.35
C ASN B 110 -16.47 20.02 9.44
N LYS B 111 -16.34 20.21 8.13
CA LYS B 111 -17.31 19.71 7.13
C LYS B 111 -16.82 18.45 6.43
N LEU B 112 -15.94 17.72 7.10
CA LEU B 112 -15.25 16.61 6.50
C LEU B 112 -16.04 15.34 6.84
N ASP B 113 -17.02 15.05 5.99
CA ASP B 113 -17.88 13.89 6.17
C ASP B 113 -17.84 13.15 4.82
N PRO B 114 -17.60 11.82 4.83
CA PRO B 114 -17.63 10.96 3.63
C PRO B 114 -18.93 11.00 2.82
N ASP B 115 -20.06 11.10 3.53
CA ASP B 115 -21.39 11.04 2.91
C ASP B 115 -21.83 12.29 2.16
N VAL B 116 -21.09 13.38 2.32
CA VAL B 116 -21.56 14.69 1.89
C VAL B 116 -20.48 15.46 1.17
N SER B 117 -20.73 15.86 -0.07
CA SER B 117 -19.73 16.58 -0.89
C SER B 117 -19.26 17.90 -0.28
N GLN B 118 -18.05 18.33 -0.66
CA GLN B 118 -17.54 19.65 -0.27
C GLN B 118 -16.53 20.15 -1.28
N PRO B 119 -16.47 21.47 -1.52
CA PRO B 119 -15.42 22.01 -2.36
C PRO B 119 -14.25 22.53 -1.53
N THR B 120 -13.16 22.88 -2.21
CA THR B 120 -12.04 23.62 -1.64
C THR B 120 -12.52 24.74 -0.73
N THR B 121 -11.87 24.89 0.42
CA THR B 121 -12.13 25.99 1.35
C THR B 121 -11.93 27.36 0.70
N THR B 122 -12.89 28.24 0.93
CA THR B 122 -12.87 29.60 0.39
C THR B 122 -12.36 30.65 1.40
N ASP B 123 -12.24 30.28 2.68
CA ASP B 123 -11.70 31.18 3.70
C ASP B 123 -10.26 30.83 4.17
N PHE B 124 -9.76 29.65 3.74
CA PHE B 124 -8.44 29.10 4.10
C PHE B 124 -8.06 29.21 5.59
N ALA B 125 -9.02 28.99 6.49
CA ALA B 125 -8.81 29.20 7.94
C ALA B 125 -7.78 28.26 8.57
N GLU B 126 -7.58 27.11 7.92
CA GLU B 126 -6.67 26.06 8.36
C GLU B 126 -5.25 26.28 7.83
N PHE B 127 -5.06 27.23 6.93
CA PHE B 127 -3.76 27.44 6.30
C PHE B 127 -2.82 28.17 7.25
N THR B 128 -2.55 27.53 8.37
CA THR B 128 -1.83 28.16 9.46
C THR B 128 -0.54 27.41 9.60
N LEU B 129 0.45 28.02 10.23
CA LEU B 129 1.80 27.46 10.32
C LEU B 129 1.74 26.24 11.23
N SER B 130 0.88 26.30 12.21
CA SER B 130 0.61 25.15 13.04
C SER B 130 0.28 23.89 12.19
N ASN B 131 -0.85 23.94 11.50
CA ASN B 131 -1.29 22.84 10.64
C ASN B 131 -0.23 22.43 9.61
N TYR B 132 0.48 23.42 9.05
CA TYR B 132 1.58 23.16 8.15
C TYR B 132 2.68 22.29 8.79
N LYS B 133 3.11 22.64 9.99
CA LYS B 133 4.19 21.94 10.69
C LYS B 133 3.80 20.50 10.95
N ARG B 134 2.53 20.29 11.22
CA ARG B 134 2.01 18.95 11.41
C ARG B 134 2.11 18.17 10.09
N ILE B 135 1.53 18.71 9.01
CA ILE B 135 1.53 18.04 7.69
C ILE B 135 2.92 17.48 7.37
N VAL B 136 3.88 18.36 7.50
CA VAL B 136 5.27 18.12 7.15
C VAL B 136 6.02 17.20 8.13
N LYS B 137 5.71 17.33 9.40
CA LYS B 137 6.31 16.47 10.42
C LYS B 137 6.05 14.97 10.10
N TYR B 138 4.80 14.67 9.78
CA TYR B 138 4.39 13.32 9.54
C TYR B 138 4.56 12.85 8.06
N LYS B 139 4.45 13.75 7.10
CA LYS B 139 4.55 13.30 5.72
C LYS B 139 5.99 13.24 5.25
N THR B 140 6.90 14.00 5.85
CA THR B 140 8.31 13.95 5.38
C THR B 140 9.38 13.66 6.45
N ALA B 141 9.29 14.28 7.62
CA ALA B 141 10.41 14.25 8.53
C ALA B 141 10.76 12.84 8.94
N TYR B 142 9.77 12.11 9.38
CA TYR B 142 10.02 10.75 9.87
C TYR B 142 10.70 9.83 8.89
N TYR B 143 10.21 9.76 7.66
CA TYR B 143 10.77 8.79 6.70
C TYR B 143 12.01 9.27 5.99
N THR B 144 12.18 10.58 5.95
CA THR B 144 13.28 11.19 5.26
C THR B 144 14.49 11.38 6.17
N TYR B 145 14.27 11.80 7.40
CA TYR B 145 15.38 12.11 8.29
C TYR B 145 15.59 11.22 9.50
N LEU B 146 14.53 10.73 10.14
CA LEU B 146 14.69 9.92 11.35
C LEU B 146 14.92 8.46 11.04
N LEU B 147 14.23 7.94 10.04
CA LEU B 147 14.28 6.53 9.73
C LEU B 147 15.64 6.05 9.25
N PRO B 148 16.25 6.75 8.25
CA PRO B 148 17.63 6.41 7.79
C PRO B 148 18.68 6.45 8.90
N LEU B 149 18.59 7.42 9.79
CA LEU B 149 19.46 7.43 10.97
C LEU B 149 19.28 6.20 11.88
N VAL B 150 18.04 5.91 12.25
CA VAL B 150 17.70 4.75 13.07
C VAL B 150 18.07 3.46 12.38
N MET B 151 17.87 3.32 11.08
CA MET B 151 18.24 2.08 10.41
C MET B 151 19.74 1.87 10.39
N GLY B 152 20.50 2.96 10.37
CA GLY B 152 21.94 2.89 10.39
C GLY B 152 22.43 2.46 11.75
N LEU B 153 21.82 3.04 12.78
CA LEU B 153 22.06 2.61 14.14
C LEU B 153 21.71 1.14 14.39
N ILE B 154 20.64 0.62 13.78
CA ILE B 154 20.19 -0.74 14.09
C ILE B 154 21.12 -1.81 13.55
N VAL B 155 21.53 -1.66 12.28
CA VAL B 155 22.46 -2.61 11.65
C VAL B 155 23.87 -2.53 12.22
N SER B 156 24.19 -1.39 12.85
CA SER B 156 25.44 -1.19 13.59
C SER B 156 25.32 -1.64 15.04
N GLU B 157 24.11 -2.03 15.44
CA GLU B 157 23.86 -2.44 16.81
C GLU B 157 24.32 -1.33 17.77
N ALA B 158 24.03 -0.08 17.42
CA ALA B 158 24.39 1.09 18.23
C ALA B 158 23.23 2.04 18.59
N LEU B 159 22.00 1.60 18.36
CA LEU B 159 20.80 2.40 18.64
C LEU B 159 20.78 2.96 20.06
N PRO B 160 21.08 2.11 21.05
CA PRO B 160 20.98 2.68 22.41
C PRO B 160 22.06 3.74 22.74
N THR B 161 23.09 3.86 21.91
CA THR B 161 24.21 4.75 22.24
C THR B 161 24.03 6.24 21.91
N VAL B 162 22.91 6.64 21.35
CA VAL B 162 22.70 8.05 21.03
C VAL B 162 21.59 8.61 21.87
N ASP B 163 21.60 9.92 22.04
CA ASP B 163 20.50 10.63 22.67
C ASP B 163 19.29 10.73 21.73
N MET B 164 18.31 9.86 21.94
CA MET B 164 17.22 9.74 21.00
C MET B 164 16.38 10.99 21.04
N GLY B 165 16.16 11.51 22.23
CA GLY B 165 15.40 12.75 22.37
C GLY B 165 15.93 13.85 21.48
N VAL B 166 17.25 14.02 21.50
CA VAL B 166 17.94 15.01 20.66
C VAL B 166 17.92 14.64 19.19
N THR B 167 18.23 13.39 18.90
CA THR B 167 18.15 12.90 17.54
C THR B 167 16.79 13.16 16.90
N GLU B 168 15.74 12.93 17.66
CA GLU B 168 14.37 13.17 17.21
C GLU B 168 14.19 14.67 16.92
N GLU B 169 14.66 15.53 17.82
CA GLU B 169 14.57 16.98 17.62
C GLU B 169 15.28 17.38 16.33
N LEU B 170 16.47 16.84 16.14
CA LEU B 170 17.24 17.09 14.91
C LEU B 170 16.50 16.66 13.66
N ALA B 171 16.04 15.41 13.67
CA ALA B 171 15.30 14.86 12.55
C ALA B 171 14.05 15.70 12.22
N MET B 172 13.33 16.17 13.23
CA MET B 172 12.10 16.96 13.04
C MET B 172 12.45 18.29 12.45
N LEU B 173 13.56 18.84 12.91
CA LEU B 173 13.99 20.15 12.46
C LEU B 173 14.45 20.12 11.01
N MET B 174 15.39 19.25 10.71
CA MET B 174 15.90 19.19 9.35
C MET B 174 14.82 18.77 8.37
N GLY B 175 13.89 17.93 8.83
CA GLY B 175 12.83 17.41 7.98
C GLY B 175 11.85 18.50 7.57
N GLU B 176 11.45 19.33 8.51
CA GLU B 176 10.62 20.49 8.21
C GLU B 176 11.25 21.39 7.15
N TYR B 177 12.49 21.78 7.42
CA TYR B 177 13.26 22.60 6.53
C TYR B 177 13.33 22.03 5.10
N PHE B 178 13.62 20.74 5.00
CA PHE B 178 13.67 20.03 3.68
C PHE B 178 12.37 20.14 2.94
N GLN B 179 11.29 20.03 3.68
CA GLN B 179 9.98 20.20 3.11
C GLN B 179 9.68 21.63 2.68
N VAL B 180 10.08 22.60 3.51
CA VAL B 180 9.89 24.03 3.21
C VAL B 180 10.64 24.34 1.95
N GLN B 181 11.85 23.79 1.85
CA GLN B 181 12.63 23.84 0.63
C GLN B 181 11.91 23.20 -0.56
N ASP B 182 11.35 22.01 -0.36
CA ASP B 182 10.58 21.40 -1.45
C ASP B 182 9.47 22.33 -1.92
N ASP B 183 8.80 23.01 -0.98
CA ASP B 183 7.67 23.88 -1.32
C ASP B 183 8.10 25.11 -2.09
N VAL B 184 9.27 25.67 -1.75
CA VAL B 184 9.78 26.87 -2.40
C VAL B 184 10.29 26.54 -3.80
N MET B 185 11.01 25.44 -3.93
CA MET B 185 11.46 24.98 -5.26
C MET B 185 10.25 24.68 -6.16
N ASP B 186 9.22 24.05 -5.58
CA ASP B 186 8.02 23.66 -6.33
C ASP B 186 7.39 24.85 -7.02
N CYS B 187 7.70 26.04 -6.54
CA CYS B 187 7.17 27.26 -7.11
C CYS B 187 8.19 28.07 -7.90
N PHE B 188 9.43 28.18 -7.42
CA PHE B 188 10.38 29.11 -8.00
C PHE B 188 11.62 28.51 -8.63
N THR B 189 11.81 27.22 -8.51
CA THR B 189 12.92 26.59 -9.20
C THR B 189 12.33 26.12 -10.55
N PRO B 190 13.05 26.37 -11.67
CA PRO B 190 12.51 25.94 -12.97
C PRO B 190 12.49 24.42 -13.14
N PRO B 191 11.41 23.84 -13.72
CA PRO B 191 11.22 22.36 -13.77
C PRO B 191 12.43 21.53 -14.25
N GLU B 192 13.24 22.10 -15.15
CA GLU B 192 14.38 21.38 -15.75
C GLU B 192 15.52 21.20 -14.77
N ARG B 193 15.77 22.19 -13.90
CA ARG B 193 16.73 22.00 -12.80
C ARG B 193 16.13 21.02 -11.77
N LEU B 194 14.83 21.16 -11.54
CA LEU B 194 14.15 20.41 -10.46
C LEU B 194 13.85 18.94 -10.82
N GLY B 195 13.53 18.70 -12.08
CA GLY B 195 13.15 17.37 -12.53
C GLY B 195 11.64 17.12 -12.59
N LYS B 196 10.85 18.08 -12.09
CA LYS B 196 9.38 17.91 -11.94
C LYS B 196 8.69 19.26 -12.12
N VAL B 197 7.45 19.23 -12.61
CA VAL B 197 6.68 20.45 -12.77
C VAL B 197 5.86 20.62 -11.51
N GLY B 198 5.86 21.84 -10.97
CA GLY B 198 5.22 22.12 -9.69
C GLY B 198 3.71 22.12 -9.79
N THR B 199 3.06 21.49 -8.82
CA THR B 199 1.59 21.35 -8.80
C THR B 199 0.94 21.83 -7.50
N ASP B 200 1.68 22.53 -6.65
CA ASP B 200 1.16 22.93 -5.32
C ASP B 200 0.08 24.04 -5.43
N ILE B 201 0.33 25.05 -6.24
CA ILE B 201 -0.63 26.14 -6.43
C ILE B 201 -1.96 25.60 -7.01
N GLN B 202 -1.82 24.97 -8.18
CA GLN B 202 -2.92 24.25 -8.83
C GLN B 202 -3.67 23.36 -7.86
N ASP B 203 -2.95 22.55 -7.08
CA ASP B 203 -3.60 21.60 -6.16
C ASP B 203 -4.14 22.22 -4.89
N ALA B 204 -4.00 23.54 -4.78
CA ALA B 204 -4.44 24.27 -3.58
C ALA B 204 -3.87 23.67 -2.31
N LYS B 205 -2.60 23.29 -2.37
CA LYS B 205 -1.93 22.69 -1.22
C LYS B 205 -1.62 23.72 -0.15
N CYS B 206 -1.55 23.22 1.08
CA CYS B 206 -1.10 23.98 2.24
C CYS B 206 0.41 24.02 2.23
N SER B 207 0.99 24.70 1.25
CA SER B 207 2.45 24.82 1.16
C SER B 207 2.95 25.91 2.13
N TRP B 208 4.23 25.85 2.48
CA TRP B 208 4.87 26.85 3.34
C TRP B 208 4.65 28.25 2.79
N LEU B 209 4.70 28.39 1.46
CA LEU B 209 4.52 29.69 0.82
C LEU B 209 3.15 30.23 1.08
N ALA B 210 2.15 29.36 0.94
CA ALA B 210 0.79 29.72 1.19
C ALA B 210 0.67 30.21 2.60
N VAL B 211 1.14 29.42 3.58
CA VAL B 211 0.84 29.72 4.99
C VAL B 211 1.57 30.96 5.51
N THR B 212 2.80 31.14 5.06
CA THR B 212 3.58 32.29 5.42
C THR B 212 3.03 33.56 4.71
N PHE B 213 2.67 33.46 3.43
CA PHE B 213 2.00 34.54 2.71
C PHE B 213 0.77 35.03 3.45
N LEU B 214 -0.09 34.09 3.82
CA LEU B 214 -1.36 34.45 4.48
C LEU B 214 -1.21 35.09 5.89
N ALA B 215 -0.11 34.85 6.58
CA ALA B 215 0.03 35.33 7.97
C ALA B 215 0.50 36.76 8.02
N LYS B 216 1.01 37.27 6.89
CA LYS B 216 1.49 38.64 6.80
C LYS B 216 0.78 39.51 5.77
N ALA B 217 0.13 38.89 4.78
CA ALA B 217 -0.51 39.65 3.72
C ALA B 217 -1.66 40.53 4.20
N SER B 218 -1.74 41.71 3.62
CA SER B 218 -2.90 42.54 3.79
C SER B 218 -4.11 41.76 3.27
N SER B 219 -5.29 42.30 3.56
CA SER B 219 -6.53 41.78 3.02
C SER B 219 -6.65 41.97 1.49
N ALA B 220 -6.07 43.03 0.92
CA ALA B 220 -6.13 43.21 -0.55
C ALA B 220 -5.41 42.05 -1.20
N GLN B 221 -4.21 41.79 -0.71
CA GLN B 221 -3.37 40.68 -1.13
C GLN B 221 -4.01 39.30 -0.94
N VAL B 222 -4.72 39.14 0.16
CA VAL B 222 -5.35 37.87 0.46
C VAL B 222 -6.56 37.60 -0.42
N ALA B 223 -7.25 38.67 -0.80
CA ALA B 223 -8.46 38.54 -1.60
C ALA B 223 -8.07 38.10 -2.99
N GLU B 224 -7.03 38.75 -3.52
CA GLU B 224 -6.52 38.44 -4.82
C GLU B 224 -5.97 37.00 -4.82
N PHE B 225 -5.29 36.62 -3.74
CA PHE B 225 -4.93 35.24 -3.51
C PHE B 225 -6.16 34.30 -3.64
N LYS B 226 -7.23 34.53 -2.87
CA LYS B 226 -8.35 33.58 -2.81
C LYS B 226 -9.05 33.42 -4.15
N ALA B 227 -9.02 34.47 -4.95
CA ALA B 227 -9.53 34.42 -6.30
C ALA B 227 -8.68 33.54 -7.22
N ASN B 228 -7.36 33.52 -7.01
CA ASN B 228 -6.47 32.84 -7.97
C ASN B 228 -5.92 31.47 -7.52
N TYR B 229 -6.07 31.09 -6.26
CA TYR B 229 -5.43 29.84 -5.76
C TYR B 229 -6.27 28.57 -6.03
N GLY B 230 -5.61 27.48 -6.40
CA GLY B 230 -6.30 26.23 -6.68
C GLY B 230 -6.91 26.14 -8.07
N SER B 231 -6.36 26.88 -9.03
CA SER B 231 -6.79 26.80 -10.43
C SER B 231 -5.69 26.36 -11.38
N GLY B 232 -6.09 25.54 -12.36
CA GLY B 232 -5.21 25.13 -13.44
C GLY B 232 -4.78 26.27 -14.37
N ASP B 233 -5.60 27.31 -14.48
CA ASP B 233 -5.35 28.44 -15.36
C ASP B 233 -3.99 29.08 -15.07
N SER B 234 -3.20 29.28 -16.12
CA SER B 234 -1.82 29.75 -16.01
C SER B 234 -1.68 31.23 -15.70
N GLU B 235 -2.64 32.03 -16.14
CA GLU B 235 -2.66 33.44 -15.73
C GLU B 235 -2.93 33.55 -14.23
N LYS B 236 -3.78 32.65 -13.73
CA LYS B 236 -4.08 32.61 -12.32
C LYS B 236 -2.86 32.15 -11.49
N VAL B 237 -2.23 31.06 -11.90
CA VAL B 237 -1.01 30.53 -11.24
C VAL B 237 0.14 31.56 -11.28
N ALA B 238 0.18 32.34 -12.36
CA ALA B 238 1.17 33.39 -12.51
C ALA B 238 0.97 34.56 -11.52
N THR B 239 -0.27 34.81 -11.11
CA THR B 239 -0.59 35.88 -10.14
C THR B 239 -0.08 35.50 -8.73
N VAL B 240 -0.44 34.28 -8.33
CA VAL B 240 -0.03 33.75 -7.04
C VAL B 240 1.49 33.80 -6.94
N ARG B 241 2.17 33.50 -8.04
CA ARG B 241 3.62 33.55 -8.07
C ARG B 241 4.01 35.00 -7.80
N ARG B 242 3.31 35.94 -8.41
CA ARG B 242 3.64 37.34 -8.23
C ARG B 242 3.36 37.78 -6.81
N LEU B 243 2.23 37.34 -6.25
CA LEU B 243 1.84 37.76 -4.89
C LEU B 243 2.86 37.33 -3.83
N TYR B 244 3.44 36.13 -4.02
CA TYR B 244 4.54 35.64 -3.18
C TYR B 244 5.77 36.52 -3.32
N GLU B 245 6.19 36.79 -4.55
CA GLU B 245 7.34 37.65 -4.82
C GLU B 245 7.17 39.02 -4.15
N GLU B 246 5.97 39.56 -4.32
CA GLU B 246 5.66 40.89 -3.84
C GLU B 246 5.67 40.95 -2.33
N ALA B 247 5.23 39.87 -1.68
CA ALA B 247 5.21 39.82 -0.21
C ALA B 247 6.60 39.54 0.42
N ASP B 248 7.62 39.46 -0.42
CA ASP B 248 9.00 39.20 0.04
C ASP B 248 9.07 37.98 0.95
N LEU B 249 8.74 36.83 0.39
CA LEU B 249 8.82 35.58 1.13
C LEU B 249 10.26 35.08 1.12
N GLN B 250 11.03 35.52 0.13
CA GLN B 250 12.44 35.15 0.05
C GLN B 250 13.16 35.68 1.29
N GLY B 251 12.65 36.78 1.86
CA GLY B 251 13.15 37.26 3.15
C GLY B 251 12.80 36.38 4.33
N ASP B 252 11.51 36.04 4.48
CA ASP B 252 11.09 35.07 5.52
C ASP B 252 11.86 33.74 5.41
N TYR B 253 12.20 33.33 4.20
CA TYR B 253 12.91 32.09 3.98
C TYR B 253 14.32 32.13 4.54
N VAL B 254 15.07 33.17 4.19
CA VAL B 254 16.45 33.35 4.66
C VAL B 254 16.47 33.37 6.17
N ALA B 255 15.54 34.11 6.75
CA ALA B 255 15.45 34.20 8.20
C ALA B 255 15.19 32.80 8.77
N TYR B 256 14.18 32.09 8.24
CA TYR B 256 13.82 30.75 8.72
C TYR B 256 15.00 29.80 8.65
N GLU B 257 15.64 29.77 7.49
CA GLU B 257 16.87 29.02 7.26
C GLU B 257 18.00 29.27 8.24
N ALA B 258 18.24 30.54 8.53
CA ALA B 258 19.22 30.94 9.54
C ALA B 258 18.83 30.40 10.92
N ALA B 259 17.56 30.53 11.29
CA ALA B 259 17.13 30.05 12.59
C ALA B 259 17.26 28.52 12.66
N VAL B 260 16.96 27.85 11.54
CA VAL B 260 17.09 26.41 11.52
C VAL B 260 18.56 26.02 11.65
N ALA B 261 19.44 26.68 10.90
CA ALA B 261 20.88 26.37 10.90
C ALA B 261 21.58 26.54 12.25
N GLU B 262 21.13 27.46 13.08
CA GLU B 262 21.81 27.64 14.35
C GLU B 262 21.29 26.66 15.40
N GLN B 263 19.99 26.40 15.35
CA GLN B 263 19.36 25.38 16.20
C GLN B 263 19.88 23.97 15.84
N VAL B 264 20.03 23.70 14.55
CA VAL B 264 20.65 22.48 14.09
C VAL B 264 22.07 22.40 14.63
N LYS B 265 22.81 23.49 14.51
CA LYS B 265 24.19 23.56 14.99
C LYS B 265 24.34 23.20 16.48
N GLU B 266 23.47 23.77 17.33
CA GLU B 266 23.44 23.50 18.77
C GLU B 266 23.17 22.03 19.06
N LEU B 267 22.11 21.50 18.45
CA LEU B 267 21.71 20.14 18.74
C LEU B 267 22.80 19.13 18.33
N ILE B 268 23.50 19.39 17.24
CA ILE B 268 24.60 18.49 16.83
C ILE B 268 25.77 18.48 17.84
N GLU B 269 26.00 19.63 18.47
CA GLU B 269 26.96 19.70 19.56
C GLU B 269 26.48 18.94 20.80
N LYS B 270 25.22 19.07 21.21
CA LYS B 270 24.69 18.25 22.31
C LYS B 270 24.91 16.76 22.00
N LEU B 271 24.89 16.42 20.73
CA LEU B 271 24.97 15.05 20.30
C LEU B 271 26.42 14.56 20.11
N ARG B 272 27.33 15.51 19.93
CA ARG B 272 28.75 15.23 19.73
C ARG B 272 29.44 14.80 21.03
N LEU B 273 28.93 15.33 22.15
CA LEU B 273 29.41 15.05 23.52
C LEU B 273 29.58 13.55 23.77
N CYS B 274 28.48 12.79 23.83
CA CYS B 274 28.54 11.36 24.12
C CYS B 274 28.67 10.51 22.87
N SER B 275 28.32 11.08 21.73
CA SER B 275 28.21 10.27 20.51
C SER B 275 28.81 10.96 19.28
N PRO B 276 30.15 11.09 19.25
CA PRO B 276 30.88 11.89 18.26
C PRO B 276 30.83 11.39 16.84
N GLY B 277 30.68 10.08 16.68
CA GLY B 277 30.69 9.49 15.35
C GLY B 277 29.34 9.61 14.67
N PHE B 278 28.27 9.46 15.45
CA PHE B 278 26.93 9.68 14.96
C PHE B 278 26.76 11.12 14.55
N ALA B 279 27.24 11.99 15.43
CA ALA B 279 27.21 13.44 15.23
C ALA B 279 27.83 13.85 13.88
N ALA B 280 28.99 13.25 13.55
CA ALA B 280 29.57 13.49 12.24
C ALA B 280 28.59 13.17 11.10
N SER B 281 27.94 12.01 11.14
CA SER B 281 27.19 11.57 9.94
C SER B 281 25.88 12.34 9.90
N VAL B 282 25.43 12.80 11.05
CA VAL B 282 24.30 13.74 11.03
C VAL B 282 24.71 15.04 10.33
N GLU B 283 25.86 15.60 10.71
CA GLU B 283 26.44 16.80 10.03
C GLU B 283 26.55 16.66 8.51
N THR B 284 26.90 15.49 8.04
CA THR B 284 26.90 15.26 6.62
C THR B 284 25.49 15.37 6.00
N LEU B 285 24.55 14.62 6.57
CA LEU B 285 23.15 14.69 6.16
C LEU B 285 22.69 16.15 6.15
N TRP B 286 22.98 16.90 7.20
CA TRP B 286 22.72 18.34 7.17
C TRP B 286 23.41 18.98 5.98
N GLY B 287 24.70 18.69 5.83
CA GLY B 287 25.45 19.18 4.68
C GLY B 287 24.75 18.89 3.35
N LYS B 288 24.10 17.75 3.21
CA LYS B 288 23.37 17.47 1.96
C LYS B 288 22.02 18.14 1.83
N THR B 289 21.55 18.80 2.90
CA THR B 289 20.27 19.51 2.92
C THR B 289 20.41 21.03 2.86
N TYR B 290 21.21 21.60 3.74
CA TYR B 290 21.35 23.06 3.87
C TYR B 290 21.67 23.71 2.52
N LYS B 291 20.77 24.60 2.06
CA LYS B 291 20.95 25.34 0.80
C LYS B 291 21.16 24.42 -0.39
N ARG B 292 20.52 23.25 -0.34
CA ARG B 292 20.49 22.34 -1.48
C ARG B 292 19.85 23.03 -2.71
N GLN B 293 20.46 22.81 -3.87
CA GLN B 293 19.95 23.32 -5.15
C GLN B 293 19.05 22.29 -5.79
N LYS B 294 19.48 21.03 -5.76
CA LYS B 294 18.68 19.83 -6.13
C LYS B 294 18.35 19.74 -7.62
N MET C 1 -22.32 -17.23 19.09
CA MET C 1 -21.24 -16.62 19.94
C MET C 1 -19.92 -16.23 19.23
N PRO C 2 -19.50 -16.93 18.14
CA PRO C 2 -18.24 -16.50 17.52
C PRO C 2 -18.29 -15.05 17.07
N MET C 3 -19.41 -14.71 16.46
CA MET C 3 -19.66 -13.39 15.94
C MET C 3 -19.77 -12.31 17.03
N GLN C 4 -20.26 -12.68 18.20
CA GLN C 4 -20.46 -11.70 19.28
C GLN C 4 -19.12 -11.11 19.73
N MET C 5 -18.20 -12.01 20.06
CA MET C 5 -16.86 -11.62 20.52
C MET C 5 -15.98 -11.04 19.40
N PHE C 6 -16.14 -11.53 18.18
CA PHE C 6 -15.48 -10.90 17.05
C PHE C 6 -15.73 -9.40 16.98
N MET C 7 -16.98 -8.97 17.17
CA MET C 7 -17.30 -7.53 17.17
C MET C 7 -16.87 -6.80 18.42
N GLN C 8 -16.71 -7.51 19.52
CA GLN C 8 -16.23 -6.86 20.74
C GLN C 8 -14.79 -6.40 20.54
N VAL C 9 -14.01 -7.29 19.93
CA VAL C 9 -12.63 -7.02 19.64
C VAL C 9 -12.48 -6.00 18.52
N TYR C 10 -13.40 -5.99 17.55
CA TYR C 10 -13.42 -4.86 16.62
C TYR C 10 -13.41 -3.53 17.35
N ASP C 11 -14.21 -3.42 18.40
CA ASP C 11 -14.31 -2.16 19.15
C ASP C 11 -13.04 -1.87 19.94
N GLU C 12 -12.46 -2.91 20.52
CA GLU C 12 -11.14 -2.78 21.13
C GLU C 12 -10.13 -2.24 20.16
N ILE C 13 -10.06 -2.88 19.02
CA ILE C 13 -9.11 -2.49 18.02
C ILE C 13 -9.34 -1.07 17.59
N GLN C 14 -10.55 -0.76 17.15
CA GLN C 14 -10.89 0.59 16.73
C GLN C 14 -10.55 1.60 17.81
N MET C 15 -10.86 1.29 19.07
CA MET C 15 -10.66 2.24 20.16
C MET C 15 -9.17 2.51 20.30
N PHE C 16 -8.37 1.45 20.26
CA PHE C 16 -6.94 1.59 20.38
C PHE C 16 -6.34 2.46 19.29
N LEU C 17 -6.75 2.29 18.03
CA LEU C 17 -6.10 2.96 16.91
C LEU C 17 -6.51 4.41 16.81
N LEU C 18 -7.80 4.63 16.95
CA LEU C 18 -8.36 5.97 16.89
C LEU C 18 -7.84 6.83 18.04
N GLU C 19 -7.68 6.23 19.20
CA GLU C 19 -7.18 6.93 20.37
C GLU C 19 -5.67 7.27 20.21
N GLU C 20 -4.89 6.29 19.75
CA GLU C 20 -3.46 6.49 19.39
C GLU C 20 -3.31 7.64 18.41
N LEU C 21 -4.22 7.71 17.43
CA LEU C 21 -4.23 8.80 16.46
C LEU C 21 -4.43 10.16 17.08
N GLU C 22 -5.31 10.23 18.06
CA GLU C 22 -5.56 11.44 18.84
C GLU C 22 -4.36 11.77 19.73
N LEU C 23 -3.85 10.77 20.45
CA LEU C 23 -2.82 10.95 21.49
C LEU C 23 -1.39 11.12 20.97
N LYS C 24 -1.03 10.38 19.94
CA LYS C 24 0.38 10.33 19.50
C LYS C 24 0.66 10.93 18.12
N PHE C 25 -0.37 11.17 17.33
CA PHE C 25 -0.20 11.68 15.99
C PHE C 25 -0.84 13.03 15.84
N ASP C 26 -1.29 13.61 16.94
CA ASP C 26 -1.77 14.99 16.96
C ASP C 26 -3.07 15.18 16.17
N MET C 27 -3.90 14.15 16.15
CA MET C 27 -5.02 14.19 15.23
C MET C 27 -6.25 14.90 15.82
N ASP C 28 -6.85 15.76 14.99
CA ASP C 28 -8.06 16.50 15.33
C ASP C 28 -9.32 15.65 15.32
N PRO C 29 -10.37 16.09 16.05
CA PRO C 29 -11.58 15.26 16.16
C PRO C 29 -12.30 15.03 14.85
N ASN C 30 -12.25 16.01 13.95
CA ASN C 30 -12.95 15.83 12.69
C ASN C 30 -12.39 14.69 11.85
N ARG C 31 -11.07 14.66 11.76
CA ARG C 31 -10.38 13.61 11.02
C ARG C 31 -10.49 12.26 11.74
N VAL C 32 -10.46 12.29 13.06
CA VAL C 32 -10.70 11.06 13.83
C VAL C 32 -12.07 10.50 13.45
N ARG C 33 -13.09 11.34 13.33
CA ARG C 33 -14.41 10.79 13.01
C ARG C 33 -14.47 10.29 11.53
N TYR C 34 -13.71 10.94 10.66
CA TYR C 34 -13.58 10.49 9.27
C TYR C 34 -13.05 9.07 9.19
N LEU C 35 -11.96 8.85 9.91
CA LEU C 35 -11.34 7.53 9.93
C LEU C 35 -12.20 6.48 10.63
N ARG C 36 -13.04 6.90 11.59
CA ARG C 36 -14.03 6.00 12.16
C ARG C 36 -15.02 5.54 11.10
N LYS C 37 -15.54 6.49 10.31
CA LYS C 37 -16.51 6.13 9.26
C LYS C 37 -15.85 5.31 8.14
N MET C 38 -14.67 5.74 7.70
CA MET C 38 -13.86 4.97 6.76
C MET C 38 -13.70 3.53 7.24
N MET C 39 -13.20 3.37 8.46
CA MET C 39 -12.97 2.05 9.02
C MET C 39 -14.21 1.17 9.10
N ASP C 40 -15.36 1.74 9.43
CA ASP C 40 -16.58 0.95 9.55
C ASP C 40 -17.11 0.57 8.21
N THR C 41 -17.10 1.53 7.29
CA THR C 41 -17.63 1.35 5.94
C THR C 41 -16.86 0.36 5.10
N THR C 42 -15.56 0.29 5.31
CA THR C 42 -14.73 -0.60 4.54
C THR C 42 -14.46 -1.91 5.24
N CYS C 43 -14.43 -1.95 6.55
CA CYS C 43 -14.20 -3.25 7.23
C CYS C 43 -15.46 -4.00 7.64
N LEU C 44 -16.58 -3.28 7.78
CA LEU C 44 -17.85 -3.91 8.22
C LEU C 44 -18.78 -4.03 7.04
N GLY C 45 -19.72 -4.97 7.17
CA GLY C 45 -20.85 -5.09 6.25
C GLY C 45 -20.76 -6.29 5.32
N GLY C 46 -19.63 -6.98 5.34
CA GLY C 46 -19.50 -8.23 4.63
C GLY C 46 -19.95 -9.34 5.56
N LYS C 47 -19.44 -10.54 5.34
CA LYS C 47 -19.84 -11.68 6.17
C LYS C 47 -18.71 -12.33 6.94
N TYR C 48 -17.52 -11.72 6.84
CA TYR C 48 -16.37 -12.04 7.66
C TYR C 48 -15.92 -13.49 7.60
N ASN C 49 -16.01 -14.09 6.42
CA ASN C 49 -15.59 -15.49 6.30
C ASN C 49 -14.12 -15.70 6.59
N ARG C 50 -13.28 -14.74 6.20
CA ARG C 50 -11.84 -14.85 6.45
C ARG C 50 -11.54 -14.74 7.94
N GLY C 51 -12.11 -13.74 8.59
CA GLY C 51 -11.97 -13.56 10.02
C GLY C 51 -12.56 -14.68 10.85
N LEU C 52 -13.81 -15.04 10.60
CA LEU C 52 -14.45 -16.12 11.36
C LEU C 52 -13.76 -17.48 11.24
N THR C 53 -13.13 -17.74 10.11
CA THR C 53 -12.30 -18.94 9.96
C THR C 53 -11.19 -19.09 10.98
N VAL C 54 -10.52 -17.97 11.30
CA VAL C 54 -9.36 -17.98 12.19
C VAL C 54 -9.84 -18.42 13.58
N ILE C 55 -10.97 -17.84 14.01
CA ILE C 55 -11.51 -18.15 15.32
C ILE C 55 -11.90 -19.64 15.38
N ASP C 56 -12.58 -20.09 14.33
CA ASP C 56 -13.00 -21.49 14.23
C ASP C 56 -11.84 -22.43 14.34
N VAL C 57 -10.79 -22.18 13.56
CA VAL C 57 -9.61 -23.06 13.54
C VAL C 57 -9.03 -23.09 14.96
N ALA C 58 -8.94 -21.92 15.58
CA ALA C 58 -8.46 -21.85 16.94
C ALA C 58 -9.33 -22.59 17.94
N GLU C 59 -10.66 -22.43 17.89
CA GLU C 59 -11.57 -23.16 18.78
C GLU C 59 -11.46 -24.67 18.64
N SER C 60 -11.23 -25.12 17.41
CA SER C 60 -11.20 -26.54 17.12
C SER C 60 -9.95 -27.13 17.75
N LEU C 61 -8.82 -26.48 17.52
CA LEU C 61 -7.51 -27.03 17.86
C LEU C 61 -7.03 -26.90 19.31
N LEU C 62 -7.75 -26.21 20.18
CA LEU C 62 -7.27 -26.09 21.57
C LEU C 62 -7.47 -27.38 22.39
N SER C 63 -8.28 -28.30 21.86
CA SER C 63 -8.35 -29.70 22.33
C SER C 63 -7.01 -30.45 22.27
N ASP D 1 -7.76 -23.12 34.48
CA ASP D 1 -6.96 -22.52 33.37
C ASP D 1 -7.75 -22.52 32.05
N GLY D 2 -8.82 -21.71 32.03
CA GLY D 2 -9.46 -21.26 30.80
C GLY D 2 -8.82 -19.97 30.34
N ALA D 3 -7.62 -19.73 30.82
CA ALA D 3 -6.87 -18.55 30.46
C ALA D 3 -6.32 -18.75 29.05
N ARG D 4 -5.67 -19.89 28.81
CA ARG D 4 -5.19 -20.23 27.48
C ARG D 4 -6.32 -20.03 26.50
N ARG D 5 -7.48 -20.63 26.79
CA ARG D 5 -8.63 -20.53 25.90
C ARG D 5 -8.98 -19.05 25.61
N LYS D 6 -9.01 -18.21 26.63
CA LYS D 6 -9.20 -16.77 26.46
C LYS D 6 -8.10 -16.06 25.66
N ARG D 7 -6.86 -16.42 25.89
CA ARG D 7 -5.77 -15.79 25.23
C ARG D 7 -5.81 -16.22 23.75
N VAL D 8 -5.89 -17.52 23.50
CA VAL D 8 -5.94 -18.02 22.14
C VAL D 8 -7.11 -17.42 21.36
N LEU D 9 -8.30 -17.51 21.93
CA LEU D 9 -9.46 -16.92 21.30
C LEU D 9 -9.28 -15.43 20.96
N HIS D 10 -8.74 -14.66 21.88
CA HIS D 10 -8.59 -13.22 21.68
C HIS D 10 -7.56 -12.94 20.58
N ASP D 11 -6.47 -13.69 20.60
CA ASP D 11 -5.49 -13.57 19.56
C ASP D 11 -6.11 -13.90 18.22
N ALA D 12 -7.06 -14.83 18.24
CA ALA D 12 -7.72 -15.30 17.04
C ALA D 12 -8.56 -14.21 16.38
N CYS D 13 -9.32 -13.49 17.21
CA CYS D 13 -10.13 -12.39 16.72
C CYS D 13 -9.28 -11.24 16.16
N VAL D 14 -8.15 -10.96 16.80
CA VAL D 14 -7.24 -9.92 16.32
C VAL D 14 -6.72 -10.29 14.93
N CYS D 15 -6.26 -11.54 14.78
CA CYS D 15 -5.83 -12.04 13.48
C CYS D 15 -6.92 -12.01 12.41
N GLY D 16 -8.12 -12.35 12.83
CA GLY D 16 -9.28 -12.24 11.99
C GLY D 16 -9.47 -10.83 11.50
N TRP D 17 -9.30 -9.84 12.35
CA TRP D 17 -9.37 -8.46 11.88
C TRP D 17 -8.14 -8.04 11.04
N MET D 18 -6.96 -8.58 11.35
CA MET D 18 -5.84 -8.29 10.48
C MET D 18 -6.22 -8.65 9.05
N ILE D 19 -6.86 -9.81 8.86
CA ILE D 19 -7.22 -10.24 7.54
C ILE D 19 -8.37 -9.43 6.99
N GLU D 20 -9.37 -9.12 7.81
CA GLU D 20 -10.46 -8.31 7.31
C GLU D 20 -10.01 -6.88 6.94
N PHE D 21 -9.00 -6.36 7.64
CA PHE D 21 -8.48 -5.03 7.37
C PHE D 21 -7.65 -5.08 6.08
N LEU D 22 -6.91 -6.18 5.91
CA LEU D 22 -6.21 -6.48 4.65
C LEU D 22 -7.19 -6.53 3.49
N GLN D 23 -8.22 -7.36 3.61
CA GLN D 23 -9.28 -7.47 2.60
C GLN D 23 -9.80 -6.09 2.26
N ALA D 24 -9.99 -5.29 3.29
CA ALA D 24 -10.65 -4.02 3.16
C ALA D 24 -9.80 -3.10 2.29
N HIS D 25 -8.52 -3.07 2.61
CA HIS D 25 -7.48 -2.40 1.81
C HIS D 25 -7.49 -2.82 0.35
N TYR D 26 -7.51 -4.12 0.12
CA TYR D 26 -7.62 -4.63 -1.23
C TYR D 26 -8.90 -4.24 -1.95
N LEU D 27 -10.01 -4.14 -1.23
CA LEU D 27 -11.24 -3.75 -1.90
C LEU D 27 -11.30 -2.25 -2.23
N VAL D 28 -10.81 -1.40 -1.35
CA VAL D 28 -10.77 0.03 -1.64
C VAL D 28 -10.03 0.26 -2.95
N GLU D 29 -8.84 -0.30 -3.01
CA GLU D 29 -7.95 -0.20 -4.17
C GLU D 29 -8.46 -1.05 -5.36
N ASP D 30 -9.02 -2.26 -5.17
CA ASP D 30 -9.54 -3.03 -6.31
C ASP D 30 -10.63 -2.22 -6.94
N ASP D 31 -11.40 -1.53 -6.11
CA ASP D 31 -12.53 -0.83 -6.66
C ASP D 31 -12.14 0.32 -7.53
N ILE D 32 -11.02 0.96 -7.21
CA ILE D 32 -10.56 2.06 -8.05
C ILE D 32 -9.95 1.49 -9.31
N MET D 33 -9.13 0.46 -9.15
CA MET D 33 -8.50 -0.25 -10.27
C MET D 33 -9.52 -0.82 -11.27
N ASP D 34 -10.63 -1.35 -10.77
CA ASP D 34 -11.66 -1.99 -11.57
C ASP D 34 -12.74 -0.99 -11.98
N ASN D 35 -12.68 0.25 -11.48
CA ASN D 35 -13.65 1.29 -11.84
C ASN D 35 -15.09 0.84 -11.49
N SER D 36 -15.26 0.39 -10.25
CA SER D 36 -16.54 -0.19 -9.80
C SER D 36 -17.45 0.90 -9.20
N VAL D 37 -18.74 0.56 -9.09
CA VAL D 37 -19.77 1.52 -8.68
C VAL D 37 -20.12 1.30 -7.22
N THR D 38 -20.41 0.06 -6.89
CA THR D 38 -21.10 -0.31 -5.69
C THR D 38 -20.31 -1.42 -5.01
N ARG D 39 -20.49 -1.57 -3.70
CA ARG D 39 -19.85 -2.63 -2.95
C ARG D 39 -20.63 -2.79 -1.65
N ARG D 40 -20.95 -4.04 -1.31
CA ARG D 40 -21.70 -4.36 -0.09
C ARG D 40 -22.96 -3.51 0.11
N GLY D 41 -23.64 -3.20 -0.97
CA GLY D 41 -24.89 -2.49 -0.90
C GLY D 41 -24.78 -0.99 -1.00
N LYS D 42 -23.58 -0.46 -0.86
CA LYS D 42 -23.41 0.99 -0.83
C LYS D 42 -22.40 1.42 -1.88
N PRO D 43 -22.19 2.72 -2.03
CA PRO D 43 -21.15 3.10 -2.97
C PRO D 43 -19.74 2.64 -2.58
N CYS D 44 -18.91 2.43 -3.59
CA CYS D 44 -17.51 2.09 -3.33
C CYS D 44 -16.89 3.23 -2.58
N TRP D 45 -15.97 2.93 -1.68
CA TRP D 45 -15.35 3.98 -0.89
C TRP D 45 -14.99 5.21 -1.74
N TYR D 46 -14.19 5.02 -2.79
CA TYR D 46 -13.77 6.16 -3.65
C TYR D 46 -14.91 6.86 -4.33
N ARG D 47 -16.12 6.28 -4.29
CA ARG D 47 -17.33 6.87 -4.92
C ARG D 47 -18.21 7.53 -3.89
N HIS D 48 -17.81 7.53 -2.63
CA HIS D 48 -18.52 8.32 -1.63
C HIS D 48 -18.37 9.82 -1.96
N PRO D 49 -19.50 10.55 -1.94
CA PRO D 49 -19.60 11.95 -2.34
C PRO D 49 -18.53 12.83 -1.80
N ASP D 50 -18.15 12.60 -0.55
CA ASP D 50 -17.08 13.40 0.10
C ASP D 50 -15.71 12.73 0.20
N VAL D 51 -15.48 11.71 -0.62
CA VAL D 51 -14.24 10.99 -0.62
C VAL D 51 -13.67 11.19 -1.99
N THR D 52 -12.55 11.89 -2.01
CA THR D 52 -11.85 12.18 -3.25
C THR D 52 -11.04 10.93 -3.60
N VAL D 53 -10.71 10.81 -4.88
CA VAL D 53 -9.99 9.65 -5.37
C VAL D 53 -8.61 9.58 -4.71
N GLN D 54 -7.94 10.70 -4.62
CA GLN D 54 -6.64 10.74 -4.02
C GLN D 54 -6.67 10.27 -2.59
N CYS D 55 -7.72 10.63 -1.87
CA CYS D 55 -7.80 10.33 -0.44
C CYS D 55 -8.17 8.88 -0.25
N ALA D 56 -8.99 8.32 -1.13
CA ALA D 56 -9.34 6.88 -1.05
C ALA D 56 -8.15 5.93 -1.27
N ILE D 57 -7.22 6.32 -2.16
CA ILE D 57 -5.95 5.61 -2.37
C ILE D 57 -5.19 5.55 -1.06
N ASN D 58 -4.97 6.73 -0.45
CA ASN D 58 -4.33 6.84 0.84
C ASN D 58 -5.04 6.06 1.94
N ASP D 59 -6.38 6.08 1.92
CA ASP D 59 -7.16 5.45 3.00
C ASP D 59 -6.98 3.96 2.93
N GLY D 60 -6.94 3.47 1.71
CA GLY D 60 -6.59 2.10 1.47
C GLY D 60 -5.26 1.81 2.10
N LEU D 61 -4.30 2.70 1.95
CA LEU D 61 -2.99 2.50 2.54
C LEU D 61 -3.00 2.47 4.05
N LEU D 62 -3.73 3.40 4.70
CA LEU D 62 -3.93 3.37 6.17
C LEU D 62 -4.51 2.03 6.66
N LEU D 63 -5.45 1.48 5.91
CA LEU D 63 -6.02 0.18 6.21
C LEU D 63 -4.97 -0.90 6.30
N LYS D 64 -4.05 -0.87 5.37
CA LYS D 64 -2.98 -1.86 5.38
C LYS D 64 -2.10 -1.67 6.61
N SER D 65 -1.69 -0.43 6.85
CA SER D 65 -0.90 -0.11 8.03
C SER D 65 -1.52 -0.50 9.34
N TRP D 66 -2.83 -0.37 9.45
CA TRP D 66 -3.53 -0.79 10.65
C TRP D 66 -3.43 -2.30 10.93
N THR D 67 -3.30 -3.12 9.91
CA THR D 67 -3.09 -4.53 10.19
C THR D 67 -1.79 -4.72 11.00
N HIS D 68 -0.76 -3.95 10.65
CA HIS D 68 0.51 -3.98 11.34
C HIS D 68 0.47 -3.35 12.69
N MET D 69 -0.24 -2.23 12.81
CA MET D 69 -0.34 -1.54 14.07
C MET D 69 -1.10 -2.38 15.10
N MET D 70 -2.20 -3.01 14.69
CA MET D 70 -2.96 -3.81 15.65
C MET D 70 -2.12 -5.00 16.07
N ALA D 71 -1.48 -5.68 15.14
CA ALA D 71 -0.68 -6.85 15.47
C ALA D 71 0.36 -6.52 16.49
N MET D 72 1.04 -5.40 16.27
CA MET D 72 2.20 -5.03 17.05
C MET D 72 1.79 -4.62 18.45
N HIS D 73 0.62 -4.02 18.56
CA HIS D 73 0.06 -3.70 19.86
C HIS D 73 -0.39 -4.97 20.62
N PHE D 74 -1.19 -5.83 20.00
CA PHE D 74 -1.76 -6.97 20.71
C PHE D 74 -0.82 -8.13 20.85
N PHE D 75 0.08 -8.26 19.88
CA PHE D 75 1.00 -9.37 19.87
C PHE D 75 2.40 -8.95 20.29
N ALA D 76 2.53 -7.76 20.89
CA ALA D 76 3.84 -7.19 21.24
C ALA D 76 4.73 -8.21 21.92
N ASP D 77 4.19 -8.91 22.93
CA ASP D 77 4.96 -9.84 23.79
C ASP D 77 4.93 -11.30 23.43
N ARG D 78 4.55 -11.59 22.20
CA ARG D 78 4.05 -12.87 21.74
C ARG D 78 5.13 -13.58 20.92
N PRO D 79 5.60 -14.75 21.38
CA PRO D 79 6.64 -15.52 20.68
C PRO D 79 6.48 -15.58 19.14
N PHE D 80 5.24 -15.69 18.64
CA PHE D 80 4.96 -15.97 17.23
C PHE D 80 4.86 -14.74 16.33
N LEU D 81 5.04 -13.57 16.93
CA LEU D 81 4.77 -12.34 16.25
C LEU D 81 5.54 -12.15 14.97
N GLN D 82 6.83 -12.49 14.97
CA GLN D 82 7.64 -12.38 13.76
C GLN D 82 7.27 -13.46 12.72
N ASP D 83 7.02 -14.69 13.16
CA ASP D 83 6.52 -15.75 12.27
C ASP D 83 5.23 -15.30 11.58
N LEU D 84 4.36 -14.66 12.35
CA LEU D 84 3.04 -14.22 11.93
C LEU D 84 3.17 -13.15 10.86
N LEU D 85 3.91 -12.09 11.16
CA LEU D 85 4.12 -10.98 10.22
C LEU D 85 4.90 -11.35 8.95
N CYS D 86 5.86 -12.29 9.03
CA CYS D 86 6.56 -12.76 7.83
C CYS D 86 5.53 -13.34 6.84
N ARG D 87 4.75 -14.28 7.34
CA ARG D 87 3.80 -15.05 6.55
C ARG D 87 2.75 -14.13 5.98
N PHE D 88 2.26 -13.25 6.84
CA PHE D 88 1.25 -12.31 6.48
C PHE D 88 1.71 -11.45 5.32
N ASN D 89 2.93 -10.92 5.39
CA ASN D 89 3.47 -10.07 4.32
C ASN D 89 3.77 -10.82 3.02
N ARG D 90 4.26 -12.05 3.12
CA ARG D 90 4.39 -12.88 1.94
C ARG D 90 3.06 -12.98 1.25
N VAL D 91 2.03 -13.34 2.00
CA VAL D 91 0.71 -13.53 1.39
C VAL D 91 0.26 -12.24 0.72
N ASP D 92 0.40 -11.17 1.50
CA ASP D 92 0.11 -9.86 1.00
C ASP D 92 0.87 -9.53 -0.28
N TYR D 93 2.17 -9.80 -0.28
CA TYR D 93 2.93 -9.66 -1.50
C TYR D 93 2.43 -10.57 -2.60
N THR D 94 2.16 -11.83 -2.27
CA THR D 94 1.65 -12.74 -3.30
C THR D 94 0.34 -12.19 -3.90
N THR D 95 -0.51 -11.66 -3.05
CA THR D 95 -1.80 -11.13 -3.54
C THR D 95 -1.62 -9.99 -4.56
N ALA D 96 -0.62 -9.14 -4.34
CA ALA D 96 -0.36 -7.97 -5.19
C ALA D 96 0.23 -8.34 -6.55
N VAL D 97 1.00 -9.42 -6.57
CA VAL D 97 1.41 -10.06 -7.81
C VAL D 97 0.21 -10.60 -8.61
N GLY D 98 -0.71 -11.26 -7.90
CA GLY D 98 -1.91 -11.82 -8.49
C GLY D 98 -2.67 -10.72 -9.16
N GLN D 99 -2.67 -9.55 -8.53
CA GLN D 99 -3.36 -8.39 -9.10
C GLN D 99 -2.73 -7.77 -10.29
N LEU D 100 -1.40 -7.82 -10.37
CA LEU D 100 -0.68 -7.49 -11.57
C LEU D 100 -1.11 -8.44 -12.70
N TYR D 101 -1.22 -9.72 -12.38
CA TYR D 101 -1.65 -10.71 -13.39
C TYR D 101 -3.03 -10.34 -13.90
N ASP D 102 -3.92 -10.00 -12.98
CA ASP D 102 -5.30 -9.64 -13.33
C ASP D 102 -5.39 -8.40 -14.19
N VAL D 103 -4.71 -7.36 -13.76
CA VAL D 103 -4.84 -6.04 -14.33
C VAL D 103 -4.19 -5.93 -15.70
N THR D 104 -3.24 -6.82 -15.99
CA THR D 104 -2.57 -6.82 -17.26
C THR D 104 -3.00 -7.96 -18.15
N SER D 105 -4.07 -8.67 -17.81
CA SER D 105 -4.47 -9.81 -18.60
C SER D 105 -5.03 -9.43 -19.99
N MET D 106 -5.33 -8.15 -20.23
CA MET D 106 -5.94 -7.67 -21.52
C MET D 106 -4.95 -7.19 -22.57
N PHE D 107 -3.68 -7.17 -22.23
CA PHE D 107 -2.62 -6.70 -23.13
C PHE D 107 -1.74 -7.90 -23.50
N ASP D 108 -1.41 -8.02 -24.79
CA ASP D 108 -0.43 -9.00 -25.25
C ASP D 108 0.85 -8.81 -24.43
N SER D 109 1.23 -9.83 -23.65
CA SER D 109 2.38 -9.66 -22.75
C SER D 109 3.71 -9.45 -23.47
N ASN D 110 3.81 -9.84 -24.73
CA ASN D 110 5.01 -9.59 -25.55
C ASN D 110 5.23 -8.12 -25.89
N LYS D 111 4.16 -7.34 -25.82
CA LYS D 111 4.22 -5.90 -26.09
C LYS D 111 3.99 -5.08 -24.82
N LEU D 112 4.34 -5.65 -23.68
CA LEU D 112 4.13 -5.06 -22.38
C LEU D 112 5.41 -4.33 -22.01
N ASP D 113 5.48 -3.05 -22.36
CA ASP D 113 6.69 -2.25 -22.18
C ASP D 113 6.18 -0.90 -21.76
N PRO D 114 6.63 -0.36 -20.62
CA PRO D 114 6.22 0.95 -20.08
C PRO D 114 6.32 2.12 -21.05
N ASP D 115 7.39 2.13 -21.85
CA ASP D 115 7.76 3.25 -22.68
C ASP D 115 6.82 3.42 -23.86
N VAL D 116 6.01 2.42 -24.14
CA VAL D 116 5.24 2.43 -25.38
C VAL D 116 3.79 2.03 -25.23
N SER D 117 2.90 2.89 -25.72
CA SER D 117 1.46 2.69 -25.66
C SER D 117 0.94 1.45 -26.43
N GLN D 118 -0.16 0.86 -25.93
CA GLN D 118 -0.75 -0.37 -26.53
C GLN D 118 -2.22 -0.63 -26.16
N PRO D 119 -3.08 -0.97 -27.14
CA PRO D 119 -4.48 -1.15 -26.78
C PRO D 119 -4.78 -2.56 -26.28
N THR D 120 -5.96 -2.72 -25.69
CA THR D 120 -6.49 -4.02 -25.33
C THR D 120 -6.31 -4.98 -26.48
N THR D 121 -5.86 -6.19 -26.15
CA THR D 121 -5.70 -7.32 -27.09
C THR D 121 -6.92 -7.46 -27.98
N THR D 122 -6.67 -7.72 -29.26
CA THR D 122 -7.74 -7.97 -30.24
C THR D 122 -7.92 -9.46 -30.54
N ASP D 123 -6.92 -10.30 -30.23
CA ASP D 123 -7.03 -11.75 -30.42
C ASP D 123 -7.25 -12.60 -29.12
N PHE D 124 -6.92 -12.05 -27.95
CA PHE D 124 -7.15 -12.72 -26.64
C PHE D 124 -6.40 -14.05 -26.52
N ALA D 125 -5.23 -14.15 -27.12
CA ALA D 125 -4.51 -15.42 -27.05
C ALA D 125 -4.14 -15.77 -25.60
N GLU D 126 -4.12 -14.78 -24.72
CA GLU D 126 -3.82 -14.99 -23.29
C GLU D 126 -5.02 -15.41 -22.42
N PHE D 127 -6.21 -15.60 -23.01
CA PHE D 127 -7.41 -15.93 -22.21
C PHE D 127 -7.55 -17.42 -22.13
N THR D 128 -6.58 -18.02 -21.46
CA THR D 128 -6.46 -19.47 -21.36
C THR D 128 -6.73 -19.90 -19.94
N LEU D 129 -7.07 -21.17 -19.77
CA LEU D 129 -7.40 -21.67 -18.45
C LEU D 129 -6.12 -21.65 -17.61
N SER D 130 -5.03 -21.99 -18.26
CA SER D 130 -3.73 -21.90 -17.65
C SER D 130 -3.44 -20.52 -17.00
N ASN D 131 -3.59 -19.44 -17.79
CA ASN D 131 -3.36 -18.09 -17.32
C ASN D 131 -4.43 -17.65 -16.35
N TYR D 132 -5.63 -18.18 -16.51
CA TYR D 132 -6.71 -17.85 -15.60
C TYR D 132 -6.39 -18.36 -14.24
N LYS D 133 -5.96 -19.59 -14.18
CA LYS D 133 -5.63 -20.25 -12.93
C LYS D 133 -4.49 -19.55 -12.22
N ARG D 134 -3.52 -19.08 -12.99
CA ARG D 134 -2.44 -18.31 -12.40
C ARG D 134 -3.01 -17.02 -11.79
N ILE D 135 -3.85 -16.29 -12.52
CA ILE D 135 -4.42 -15.07 -11.95
C ILE D 135 -5.03 -15.33 -10.57
N VAL D 136 -5.81 -16.37 -10.50
CA VAL D 136 -6.71 -16.60 -9.39
C VAL D 136 -6.04 -17.22 -8.16
N LYS D 137 -5.18 -18.20 -8.40
CA LYS D 137 -4.29 -18.72 -7.38
C LYS D 137 -3.64 -17.59 -6.53
N TYR D 138 -3.11 -16.57 -7.21
CA TYR D 138 -2.31 -15.55 -6.54
C TYR D 138 -3.15 -14.38 -6.00
N LYS D 139 -4.18 -13.99 -6.73
CA LYS D 139 -4.95 -12.83 -6.33
C LYS D 139 -6.00 -13.14 -5.27
N THR D 140 -6.39 -14.40 -5.12
CA THR D 140 -7.46 -14.79 -4.22
C THR D 140 -7.24 -15.96 -3.25
N ALA D 141 -6.53 -17.00 -3.65
CA ALA D 141 -6.51 -18.22 -2.89
C ALA D 141 -5.70 -18.07 -1.62
N TYR D 142 -4.53 -17.48 -1.72
CA TYR D 142 -3.66 -17.39 -0.54
C TYR D 142 -4.27 -16.58 0.59
N TYR D 143 -4.80 -15.42 0.30
CA TYR D 143 -5.29 -14.58 1.36
C TYR D 143 -6.65 -15.01 1.84
N THR D 144 -7.42 -15.60 0.94
CA THR D 144 -8.80 -15.93 1.23
C THR D 144 -8.92 -17.31 1.94
N TYR D 145 -8.03 -18.24 1.61
CA TYR D 145 -8.12 -19.59 2.19
C TYR D 145 -6.89 -20.07 2.95
N LEU D 146 -5.69 -19.80 2.46
CA LEU D 146 -4.54 -20.30 3.16
C LEU D 146 -4.24 -19.49 4.41
N LEU D 147 -4.42 -18.19 4.31
CA LEU D 147 -3.96 -17.29 5.33
C LEU D 147 -4.81 -17.40 6.60
N PRO D 148 -6.16 -17.42 6.48
CA PRO D 148 -6.98 -17.64 7.70
C PRO D 148 -6.64 -18.96 8.41
N LEU D 149 -6.54 -20.05 7.65
CA LEU D 149 -6.20 -21.35 8.20
C LEU D 149 -4.85 -21.33 8.95
N VAL D 150 -3.86 -20.71 8.32
CA VAL D 150 -2.52 -20.60 8.88
C VAL D 150 -2.54 -19.75 10.19
N MET D 151 -3.20 -18.60 10.17
CA MET D 151 -3.23 -17.78 11.37
C MET D 151 -3.84 -18.46 12.58
N GLY D 152 -4.85 -19.29 12.37
CA GLY D 152 -5.51 -19.98 13.45
C GLY D 152 -4.55 -20.99 14.01
N LEU D 153 -3.80 -21.60 13.08
CA LEU D 153 -2.79 -22.57 13.46
C LEU D 153 -1.66 -21.95 14.29
N ILE D 154 -1.22 -20.76 13.91
CA ILE D 154 -0.14 -20.08 14.63
C ILE D 154 -0.46 -19.65 16.08
N VAL D 155 -1.62 -19.04 16.31
CA VAL D 155 -2.03 -18.60 17.67
C VAL D 155 -2.41 -19.77 18.59
N SER D 156 -2.79 -20.89 17.97
CA SER D 156 -3.05 -22.14 18.66
C SER D 156 -1.77 -22.90 18.84
N GLU D 157 -0.68 -22.35 18.29
CA GLU D 157 0.64 -22.98 18.34
C GLU D 157 0.50 -24.44 17.92
N ALA D 158 -0.13 -24.65 16.76
CA ALA D 158 -0.43 -25.97 16.22
C ALA D 158 0.06 -26.17 14.77
N LEU D 159 0.81 -25.22 14.24
CA LEU D 159 1.18 -25.21 12.83
C LEU D 159 1.96 -26.45 12.43
N PRO D 160 2.98 -26.86 13.22
CA PRO D 160 3.68 -28.09 12.82
C PRO D 160 2.85 -29.39 12.88
N THR D 161 1.72 -29.42 13.60
CA THR D 161 0.94 -30.65 13.73
C THR D 161 0.23 -31.11 12.46
N VAL D 162 0.03 -30.22 11.47
CA VAL D 162 -0.80 -30.54 10.29
C VAL D 162 0.01 -30.74 9.03
N ASP D 163 -0.57 -31.43 8.05
CA ASP D 163 0.08 -31.63 6.75
C ASP D 163 -0.08 -30.39 5.85
N MET D 164 0.93 -29.52 5.86
CA MET D 164 0.89 -28.27 5.10
C MET D 164 0.77 -28.53 3.59
N GLY D 165 1.45 -29.54 3.08
CA GLY D 165 1.34 -29.90 1.67
C GLY D 165 -0.08 -30.14 1.19
N VAL D 166 -0.89 -30.75 2.04
CA VAL D 166 -2.30 -31.01 1.73
C VAL D 166 -3.13 -29.76 1.97
N THR D 167 -2.85 -29.10 3.08
CA THR D 167 -3.54 -27.87 3.44
C THR D 167 -3.44 -26.87 2.29
N GLU D 168 -2.23 -26.70 1.81
CA GLU D 168 -1.99 -25.84 0.65
C GLU D 168 -2.79 -26.34 -0.59
N GLU D 169 -2.79 -27.64 -0.91
CA GLU D 169 -3.60 -28.13 -2.04
C GLU D 169 -5.06 -27.70 -1.87
N LEU D 170 -5.59 -27.89 -0.66
CA LEU D 170 -6.99 -27.57 -0.33
C LEU D 170 -7.27 -26.11 -0.50
N ALA D 171 -6.40 -25.27 0.07
CA ALA D 171 -6.54 -23.83 -0.06
C ALA D 171 -6.60 -23.39 -1.51
N MET D 172 -5.77 -24.00 -2.36
CA MET D 172 -5.62 -23.62 -3.77
C MET D 172 -6.88 -23.97 -4.51
N LEU D 173 -7.40 -25.15 -4.19
CA LEU D 173 -8.59 -25.67 -4.82
C LEU D 173 -9.84 -24.88 -4.41
N MET D 174 -10.00 -24.67 -3.12
CA MET D 174 -11.15 -23.92 -2.64
C MET D 174 -11.09 -22.47 -3.13
N GLY D 175 -9.90 -21.90 -3.13
CA GLY D 175 -9.67 -20.53 -3.63
C GLY D 175 -9.97 -20.36 -5.11
N GLU D 176 -9.49 -21.28 -5.93
CA GLU D 176 -9.88 -21.27 -7.32
C GLU D 176 -11.39 -21.21 -7.45
N TYR D 177 -12.06 -22.15 -6.81
CA TYR D 177 -13.49 -22.33 -6.92
C TYR D 177 -14.27 -21.08 -6.47
N PHE D 178 -13.91 -20.55 -5.30
CA PHE D 178 -14.40 -19.24 -4.80
C PHE D 178 -14.34 -18.17 -5.87
N GLN D 179 -13.21 -18.09 -6.58
CA GLN D 179 -13.08 -17.07 -7.66
C GLN D 179 -13.89 -17.40 -8.89
N VAL D 180 -13.98 -18.67 -9.23
CA VAL D 180 -14.87 -19.08 -10.32
C VAL D 180 -16.29 -18.65 -9.96
N GLN D 181 -16.67 -18.84 -8.68
CA GLN D 181 -17.99 -18.41 -8.21
C GLN D 181 -18.14 -16.91 -8.29
N ASP D 182 -17.12 -16.16 -7.85
CA ASP D 182 -17.13 -14.70 -7.99
C ASP D 182 -17.30 -14.25 -9.46
N ASP D 183 -16.59 -14.89 -10.39
CA ASP D 183 -16.72 -14.50 -11.79
C ASP D 183 -18.12 -14.73 -12.38
N VAL D 184 -18.79 -15.81 -11.98
CA VAL D 184 -20.12 -16.12 -12.48
C VAL D 184 -21.19 -15.13 -11.96
N MET D 185 -21.13 -14.84 -10.68
CA MET D 185 -22.06 -13.88 -10.06
C MET D 185 -21.93 -12.51 -10.68
N ASP D 186 -20.70 -12.11 -10.98
CA ASP D 186 -20.41 -10.82 -11.58
C ASP D 186 -21.27 -10.55 -12.78
N CYS D 187 -21.51 -11.61 -13.53
CA CYS D 187 -22.24 -11.55 -14.77
C CYS D 187 -23.73 -11.97 -14.64
N PHE D 188 -24.08 -12.91 -13.76
CA PHE D 188 -25.45 -13.47 -13.73
C PHE D 188 -26.29 -13.25 -12.49
N THR D 189 -25.62 -13.13 -11.35
CA THR D 189 -26.35 -12.83 -10.12
C THR D 189 -26.75 -11.35 -10.12
N PRO D 190 -28.03 -11.04 -9.83
CA PRO D 190 -28.51 -9.63 -9.82
C PRO D 190 -27.79 -8.77 -8.78
N PRO D 191 -27.50 -7.48 -9.08
CA PRO D 191 -26.70 -6.63 -8.18
C PRO D 191 -27.21 -6.43 -6.74
N GLU D 192 -28.50 -6.65 -6.50
CA GLU D 192 -29.08 -6.42 -5.18
C GLU D 192 -28.99 -7.63 -4.25
N ARG D 193 -28.89 -8.83 -4.80
CA ARG D 193 -28.45 -9.97 -4.03
C ARG D 193 -26.95 -9.84 -3.73
N LEU D 194 -26.19 -9.42 -4.74
CA LEU D 194 -24.72 -9.46 -4.70
C LEU D 194 -24.12 -8.32 -3.86
N GLY D 195 -24.78 -7.17 -3.87
CA GLY D 195 -24.25 -6.00 -3.24
C GLY D 195 -23.29 -5.21 -4.12
N LYS D 196 -23.01 -5.68 -5.33
CA LYS D 196 -22.15 -4.92 -6.28
C LYS D 196 -22.61 -5.07 -7.73
N VAL D 197 -22.11 -4.17 -8.58
CA VAL D 197 -22.37 -4.23 -10.02
C VAL D 197 -21.15 -4.83 -10.71
N GLY D 198 -21.38 -5.85 -11.55
CA GLY D 198 -20.26 -6.50 -12.22
C GLY D 198 -19.55 -5.63 -13.25
N THR D 199 -18.22 -5.66 -13.26
CA THR D 199 -17.43 -4.87 -14.18
C THR D 199 -16.51 -5.72 -15.07
N ASP D 200 -16.58 -7.05 -14.94
CA ASP D 200 -15.62 -7.93 -15.64
C ASP D 200 -15.66 -7.73 -17.18
N ILE D 201 -16.87 -7.67 -17.72
CA ILE D 201 -17.05 -7.53 -19.16
C ILE D 201 -16.54 -6.15 -19.64
N GLN D 202 -17.05 -5.10 -19.00
CA GLN D 202 -16.63 -3.74 -19.27
C GLN D 202 -15.12 -3.56 -19.18
N ASP D 203 -14.50 -4.15 -18.15
CA ASP D 203 -13.06 -4.05 -17.95
C ASP D 203 -12.24 -5.03 -18.78
N ALA D 204 -12.94 -5.89 -19.52
CA ALA D 204 -12.31 -6.80 -20.46
C ALA D 204 -11.45 -7.77 -19.70
N LYS D 205 -11.97 -8.27 -18.60
CA LYS D 205 -11.18 -9.08 -17.68
C LYS D 205 -11.11 -10.51 -18.11
N CYS D 206 -10.02 -11.17 -17.70
CA CYS D 206 -9.86 -12.60 -17.91
C CYS D 206 -10.64 -13.41 -16.85
N SER D 207 -11.97 -13.32 -16.89
CA SER D 207 -12.82 -14.12 -16.05
C SER D 207 -12.89 -15.57 -16.53
N TRP D 208 -13.35 -16.45 -15.63
CA TRP D 208 -13.53 -17.85 -15.95
C TRP D 208 -14.53 -18.07 -17.08
N LEU D 209 -15.55 -17.22 -17.14
CA LEU D 209 -16.54 -17.30 -18.19
C LEU D 209 -15.89 -17.04 -19.51
N ALA D 210 -15.06 -15.99 -19.55
CA ALA D 210 -14.38 -15.57 -20.76
C ALA D 210 -13.54 -16.72 -21.29
N VAL D 211 -12.68 -17.27 -20.43
CA VAL D 211 -11.76 -18.30 -20.91
C VAL D 211 -12.47 -19.58 -21.28
N THR D 212 -13.57 -19.86 -20.61
CA THR D 212 -14.31 -21.10 -20.82
C THR D 212 -15.14 -20.99 -22.09
N PHE D 213 -15.79 -19.85 -22.30
CA PHE D 213 -16.41 -19.55 -23.59
C PHE D 213 -15.41 -19.72 -24.70
N LEU D 214 -14.30 -18.98 -24.62
CA LEU D 214 -13.36 -18.92 -25.74
C LEU D 214 -12.80 -20.29 -26.13
N ALA D 215 -12.60 -21.17 -25.16
CA ALA D 215 -12.00 -22.46 -25.50
C ALA D 215 -12.99 -23.36 -26.24
N LYS D 216 -14.29 -23.17 -26.04
CA LYS D 216 -15.24 -24.09 -26.65
C LYS D 216 -15.97 -23.52 -27.84
N ALA D 217 -16.01 -22.20 -27.95
CA ALA D 217 -16.87 -21.54 -28.91
C ALA D 217 -16.38 -21.62 -30.36
N SER D 218 -17.30 -21.33 -31.26
CA SER D 218 -17.01 -21.29 -32.66
C SER D 218 -16.28 -19.99 -32.99
N SER D 219 -15.53 -20.04 -34.08
CA SER D 219 -15.04 -18.88 -34.81
C SER D 219 -16.00 -17.70 -34.84
N ALA D 220 -17.26 -17.97 -35.16
CA ALA D 220 -18.31 -16.97 -35.36
C ALA D 220 -18.69 -16.35 -34.03
N GLN D 221 -18.92 -17.20 -33.04
CA GLN D 221 -19.24 -16.76 -31.71
C GLN D 221 -18.13 -15.86 -31.18
N VAL D 222 -16.90 -16.26 -31.45
CA VAL D 222 -15.71 -15.62 -30.95
C VAL D 222 -15.54 -14.26 -31.58
N ALA D 223 -15.89 -14.14 -32.86
CA ALA D 223 -15.76 -12.86 -33.55
C ALA D 223 -16.74 -11.84 -32.96
N GLU D 224 -17.93 -12.33 -32.62
CA GLU D 224 -18.96 -11.48 -32.04
C GLU D 224 -18.57 -11.04 -30.61
N PHE D 225 -18.07 -12.00 -29.81
CA PHE D 225 -17.49 -11.70 -28.50
C PHE D 225 -16.36 -10.66 -28.63
N LYS D 226 -15.52 -10.78 -29.67
CA LYS D 226 -14.37 -9.87 -29.86
C LYS D 226 -14.85 -8.46 -30.21
N ALA D 227 -16.07 -8.36 -30.70
CA ALA D 227 -16.61 -7.09 -31.13
C ALA D 227 -17.44 -6.41 -30.04
N ASN D 228 -17.64 -7.07 -28.92
CA ASN D 228 -18.54 -6.57 -27.87
C ASN D 228 -17.93 -6.61 -26.46
N TYR D 229 -16.74 -7.17 -26.30
CA TYR D 229 -16.15 -7.34 -24.99
C TYR D 229 -15.24 -6.15 -24.69
N GLY D 230 -15.21 -5.76 -23.41
CA GLY D 230 -14.33 -4.66 -22.97
C GLY D 230 -14.89 -3.30 -23.30
N SER D 231 -16.21 -3.17 -23.19
CA SER D 231 -16.89 -1.94 -23.53
C SER D 231 -18.06 -1.70 -22.59
N GLY D 232 -18.14 -0.48 -22.08
CA GLY D 232 -19.23 -0.05 -21.18
C GLY D 232 -20.59 -0.03 -21.84
N ASP D 233 -20.62 0.22 -23.14
CA ASP D 233 -21.83 0.12 -23.95
C ASP D 233 -22.72 -1.06 -23.49
N SER D 234 -24.00 -0.81 -23.26
CA SER D 234 -24.89 -1.78 -22.60
C SER D 234 -25.50 -2.82 -23.52
N GLU D 235 -25.60 -2.48 -24.80
CA GLU D 235 -26.02 -3.45 -25.83
C GLU D 235 -24.90 -4.49 -26.02
N LYS D 236 -23.69 -3.98 -26.24
CA LYS D 236 -22.51 -4.80 -26.41
C LYS D 236 -22.40 -5.80 -25.22
N VAL D 237 -22.48 -5.26 -24.00
CA VAL D 237 -22.49 -6.04 -22.72
C VAL D 237 -23.59 -7.09 -22.61
N ALA D 238 -24.77 -6.72 -23.05
CA ALA D 238 -25.90 -7.63 -23.08
C ALA D 238 -25.67 -8.76 -24.09
N THR D 239 -24.99 -8.45 -25.20
CA THR D 239 -24.64 -9.46 -26.20
C THR D 239 -23.77 -10.49 -25.50
N VAL D 240 -22.63 -10.05 -25.00
CA VAL D 240 -21.68 -10.94 -24.32
C VAL D 240 -22.42 -11.85 -23.33
N ARG D 241 -23.34 -11.28 -22.58
CA ARG D 241 -24.11 -12.06 -21.61
C ARG D 241 -24.83 -13.16 -22.38
N ARG D 242 -25.56 -12.77 -23.42
CA ARG D 242 -26.27 -13.74 -24.26
C ARG D 242 -25.36 -14.88 -24.79
N LEU D 243 -24.17 -14.52 -25.27
CA LEU D 243 -23.20 -15.51 -25.78
C LEU D 243 -22.78 -16.54 -24.73
N TYR D 244 -22.63 -16.10 -23.48
CA TYR D 244 -22.31 -17.01 -22.36
C TYR D 244 -23.50 -17.99 -22.08
N GLU D 245 -24.73 -17.47 -22.04
CA GLU D 245 -25.95 -18.31 -21.88
C GLU D 245 -26.03 -19.30 -23.01
N GLU D 246 -25.91 -18.80 -24.24
CA GLU D 246 -26.01 -19.59 -25.47
C GLU D 246 -24.96 -20.69 -25.54
N ALA D 247 -23.75 -20.41 -25.10
CA ALA D 247 -22.70 -21.42 -25.09
C ALA D 247 -22.83 -22.44 -23.96
N ASP D 248 -23.91 -22.37 -23.20
CA ASP D 248 -24.13 -23.27 -22.05
C ASP D 248 -22.91 -23.38 -21.11
N LEU D 249 -22.48 -22.23 -20.59
CA LEU D 249 -21.40 -22.23 -19.61
C LEU D 249 -21.92 -22.85 -18.33
N GLN D 250 -23.22 -22.74 -18.10
CA GLN D 250 -23.81 -23.32 -16.87
C GLN D 250 -23.61 -24.83 -16.82
N GLY D 251 -23.55 -25.46 -17.98
CA GLY D 251 -23.18 -26.86 -18.04
C GLY D 251 -21.81 -27.07 -17.44
N ASP D 252 -20.82 -26.35 -17.97
CA ASP D 252 -19.41 -26.52 -17.57
C ASP D 252 -19.18 -26.18 -16.10
N TYR D 253 -19.96 -25.22 -15.60
CA TYR D 253 -19.89 -24.82 -14.21
C TYR D 253 -20.19 -26.00 -13.28
N VAL D 254 -21.36 -26.59 -13.48
CA VAL D 254 -21.84 -27.75 -12.71
C VAL D 254 -20.81 -28.89 -12.67
N ALA D 255 -20.14 -29.08 -13.80
CA ALA D 255 -19.18 -30.16 -13.96
C ALA D 255 -17.92 -29.85 -13.19
N TYR D 256 -17.48 -28.59 -13.25
CA TYR D 256 -16.27 -28.12 -12.58
C TYR D 256 -16.46 -28.18 -11.05
N GLU D 257 -17.59 -27.63 -10.61
CA GLU D 257 -18.00 -27.71 -9.20
C GLU D 257 -17.87 -29.12 -8.61
N ALA D 258 -18.39 -30.11 -9.35
CA ALA D 258 -18.44 -31.49 -8.86
C ALA D 258 -17.04 -32.07 -8.77
N ALA D 259 -16.26 -31.87 -9.83
CA ALA D 259 -14.88 -32.30 -9.81
C ALA D 259 -14.18 -31.65 -8.61
N VAL D 260 -14.47 -30.35 -8.41
CA VAL D 260 -13.89 -29.63 -7.28
C VAL D 260 -14.39 -30.27 -5.99
N ALA D 261 -15.71 -30.41 -5.84
CA ALA D 261 -16.31 -31.02 -4.63
C ALA D 261 -15.79 -32.40 -4.21
N GLU D 262 -15.47 -33.27 -5.16
CA GLU D 262 -14.97 -34.58 -4.79
C GLU D 262 -13.46 -34.54 -4.49
N GLN D 263 -12.69 -33.81 -5.29
CA GLN D 263 -11.24 -33.64 -5.07
C GLN D 263 -10.96 -32.96 -3.72
N VAL D 264 -11.85 -32.04 -3.33
CA VAL D 264 -11.83 -31.41 -2.01
C VAL D 264 -12.11 -32.43 -0.93
N LYS D 265 -13.17 -33.21 -1.14
CA LYS D 265 -13.58 -34.27 -0.21
C LYS D 265 -12.43 -35.27 0.01
N GLU D 266 -11.76 -35.69 -1.07
CA GLU D 266 -10.61 -36.59 -0.92
C GLU D 266 -9.51 -36.00 -0.02
N LEU D 267 -9.18 -34.71 -0.21
CA LEU D 267 -8.04 -34.12 0.55
C LEU D 267 -8.39 -33.86 2.00
N ILE D 268 -9.64 -33.51 2.29
CA ILE D 268 -10.07 -33.40 3.69
C ILE D 268 -9.92 -34.73 4.47
N GLU D 269 -10.27 -35.85 3.86
CA GLU D 269 -10.03 -37.15 4.49
C GLU D 269 -8.53 -37.47 4.68
N LYS D 270 -7.69 -37.19 3.67
CA LYS D 270 -6.22 -37.33 3.83
C LYS D 270 -5.73 -36.54 5.05
N LEU D 271 -6.48 -35.50 5.40
CA LEU D 271 -6.12 -34.57 6.45
C LEU D 271 -6.74 -34.93 7.78
N ARG D 272 -7.99 -35.41 7.72
CA ARG D 272 -8.69 -35.91 8.92
C ARG D 272 -7.89 -37.00 9.63
N LEU D 273 -7.05 -37.69 8.85
CA LEU D 273 -6.16 -38.75 9.35
C LEU D 273 -5.13 -38.55 10.45
N CYS D 274 -4.50 -37.39 10.50
CA CYS D 274 -3.44 -37.12 11.49
C CYS D 274 -3.89 -35.82 12.15
N SER D 275 -5.06 -35.30 11.76
CA SER D 275 -5.41 -33.93 12.14
C SER D 275 -6.91 -33.61 12.14
N PRO D 276 -7.71 -34.49 12.77
CA PRO D 276 -9.18 -34.37 12.80
C PRO D 276 -9.84 -33.06 13.25
N GLY D 277 -9.22 -32.33 14.16
CA GLY D 277 -9.77 -31.06 14.64
C GLY D 277 -9.66 -29.94 13.61
N PHE D 278 -8.52 -29.88 12.92
CA PHE D 278 -8.29 -28.97 11.80
C PHE D 278 -9.12 -29.36 10.58
N ALA D 279 -9.15 -30.64 10.21
CA ALA D 279 -9.97 -31.06 9.07
C ALA D 279 -11.43 -30.66 9.27
N ALA D 280 -11.93 -30.77 10.49
CA ALA D 280 -13.28 -30.35 10.75
C ALA D 280 -13.47 -28.89 10.41
N SER D 281 -12.46 -28.06 10.68
CA SER D 281 -12.63 -26.61 10.45
C SER D 281 -12.45 -26.31 8.98
N VAL D 282 -11.58 -27.05 8.31
CA VAL D 282 -11.52 -26.97 6.86
C VAL D 282 -12.87 -27.38 6.22
N GLU D 283 -13.61 -28.34 6.82
CA GLU D 283 -14.96 -28.76 6.30
C GLU D 283 -16.05 -27.69 6.50
N THR D 284 -16.01 -26.97 7.58
CA THR D 284 -16.84 -25.80 7.75
C THR D 284 -16.55 -24.72 6.74
N LEU D 285 -15.26 -24.48 6.52
CA LEU D 285 -14.83 -23.48 5.58
C LEU D 285 -15.29 -23.87 4.19
N TRP D 286 -15.07 -25.11 3.82
CA TRP D 286 -15.63 -25.61 2.57
C TRP D 286 -17.13 -25.40 2.57
N GLY D 287 -17.74 -25.63 3.73
CA GLY D 287 -19.18 -25.51 3.91
C GLY D 287 -19.70 -24.14 3.56
N LYS D 288 -18.94 -23.10 3.90
CA LYS D 288 -19.32 -21.72 3.55
C LYS D 288 -18.96 -21.29 2.11
N THR D 289 -18.45 -22.23 1.32
CA THR D 289 -18.05 -21.96 -0.06
C THR D 289 -18.94 -22.72 -1.04
N TYR D 290 -18.92 -24.05 -0.96
CA TYR D 290 -19.77 -24.90 -1.79
C TYR D 290 -21.18 -24.35 -1.98
N LYS D 291 -21.53 -24.06 -3.23
CA LYS D 291 -22.84 -23.49 -3.61
C LYS D 291 -23.30 -22.30 -2.79
N ARG D 292 -22.40 -21.35 -2.60
CA ARG D 292 -22.75 -20.09 -1.96
C ARG D 292 -23.59 -19.25 -2.90
N GLN D 293 -24.48 -18.43 -2.33
CA GLN D 293 -25.33 -17.49 -3.09
C GLN D 293 -24.92 -16.04 -2.81
N LYS D 294 -24.38 -15.78 -1.62
CA LYS D 294 -23.81 -14.48 -1.21
C LYS D 294 -24.75 -13.28 -1.31
#